data_2P7R
# 
_entry.id   2P7R 
# 
_audit_conform.dict_name       mmcif_pdbx.dic 
_audit_conform.dict_version    5.398 
_audit_conform.dict_location   http://mmcif.pdb.org/dictionaries/ascii/mmcif_pdbx.dic 
# 
loop_
_database_2.database_id 
_database_2.database_code 
_database_2.pdbx_database_accession 
_database_2.pdbx_DOI 
PDB   2P7R         pdb_00002p7r 10.2210/pdb2p7r/pdb 
RCSB  RCSB042072   ?            ?                   
WWPDB D_1000042072 ?            ?                   
# 
loop_
_pdbx_audit_revision_history.ordinal 
_pdbx_audit_revision_history.data_content_type 
_pdbx_audit_revision_history.major_revision 
_pdbx_audit_revision_history.minor_revision 
_pdbx_audit_revision_history.revision_date 
1 'Structure model' 1 0 2008-01-15 
2 'Structure model' 1 1 2011-07-13 
3 'Structure model' 1 2 2022-03-16 
4 'Structure model' 1 3 2024-10-30 
# 
_pdbx_audit_revision_details.ordinal             1 
_pdbx_audit_revision_details.revision_ordinal    1 
_pdbx_audit_revision_details.data_content_type   'Structure model' 
_pdbx_audit_revision_details.provider            repository 
_pdbx_audit_revision_details.type                'Initial release' 
_pdbx_audit_revision_details.description         ? 
_pdbx_audit_revision_details.details             ? 
# 
loop_
_pdbx_audit_revision_group.ordinal 
_pdbx_audit_revision_group.revision_ordinal 
_pdbx_audit_revision_group.data_content_type 
_pdbx_audit_revision_group.group 
1 2 'Structure model' 'Version format compliance' 
2 3 'Structure model' 'Data collection'           
3 3 'Structure model' 'Database references'       
4 3 'Structure model' 'Derived calculations'      
5 4 'Structure model' 'Data collection'           
6 4 'Structure model' 'Structure summary'         
# 
loop_
_pdbx_audit_revision_category.ordinal 
_pdbx_audit_revision_category.revision_ordinal 
_pdbx_audit_revision_category.data_content_type 
_pdbx_audit_revision_category.category 
1 3 'Structure model' database_2                
2 3 'Structure model' pdbx_nmr_software         
3 3 'Structure model' pdbx_nmr_spectrometer     
4 3 'Structure model' pdbx_struct_assembly      
5 3 'Structure model' pdbx_struct_oper_list     
6 4 'Structure model' chem_comp_atom            
7 4 'Structure model' chem_comp_bond            
8 4 'Structure model' pdbx_entry_details        
9 4 'Structure model' pdbx_modification_feature 
# 
loop_
_pdbx_audit_revision_item.ordinal 
_pdbx_audit_revision_item.revision_ordinal 
_pdbx_audit_revision_item.data_content_type 
_pdbx_audit_revision_item.item 
1 3 'Structure model' '_database_2.pdbx_DOI'                
2 3 'Structure model' '_database_2.pdbx_database_accession' 
3 3 'Structure model' '_pdbx_nmr_software.name'             
4 3 'Structure model' '_pdbx_nmr_spectrometer.model'        
# 
_pdbx_database_status.status_code                     REL 
_pdbx_database_status.entry_id                        2P7R 
_pdbx_database_status.recvd_initial_deposition_date   2007-03-20 
_pdbx_database_status.deposit_site                    RCSB 
_pdbx_database_status.process_site                    RCSB 
_pdbx_database_status.status_code_sf                  ? 
_pdbx_database_status.status_code_mr                  REL 
_pdbx_database_status.SG_entry                        ? 
_pdbx_database_status.pdb_format_compatible           Y 
_pdbx_database_status.status_code_cs                  ? 
_pdbx_database_status.status_code_nmr_data            ? 
_pdbx_database_status.methods_development_category    ? 
# 
loop_
_audit_author.name 
_audit_author.pdbx_ordinal 
'Hall, P.R.'     1 
'Malone, L.'     2 
'Sillerud, L.O.' 3 
'Ye, C.'         4 
'Hjelle, B.'     5 
'Larson, R.S.'   6 
# 
_citation.id                        primary 
_citation.title                     
'Characterization and NMR solution structure of a novel cyclic pentapeptide inhibitor of pathogenic hantaviruses' 
_citation.journal_abbrev            'CHEM.BIOL.DRUG DES.' 
_citation.journal_volume            69 
_citation.page_first                180 
_citation.page_last                 190 
_citation.year                      2007 
_citation.journal_id_ASTM           ? 
_citation.country                   US 
_citation.journal_id_ISSN           1747-0277 
_citation.journal_id_CSD            ? 
_citation.book_publisher            ? 
_citation.pdbx_database_id_PubMed   17441904 
_citation.pdbx_database_id_DOI      10.1111/j.1747-0285.2007.00489.x 
# 
loop_
_citation_author.citation_id 
_citation_author.name 
_citation_author.ordinal 
_citation_author.identifier_ORCID 
primary 'Hall, P.R.'     1 ? 
primary 'Malone, L.'     2 ? 
primary 'Sillerud, L.O.' 3 ? 
primary 'Ye, C.'         4 ? 
primary 'Hjelle, B.L.'   5 ? 
primary 'Larson, R.S.'   6 ? 
# 
_entity.id                         1 
_entity.type                       polymer 
_entity.src_method                 syn 
_entity.pdbx_description           cyclo-CPFVC 
_entity.formula_weight             567.720 
_entity.pdbx_number_of_molecules   1 
_entity.pdbx_ec                    ? 
_entity.pdbx_mutation              ? 
_entity.pdbx_fragment              ? 
_entity.details                    ? 
# 
_entity_poly.entity_id                      1 
_entity_poly.type                           'polypeptide(L)' 
_entity_poly.nstd_linkage                   no 
_entity_poly.nstd_monomer                   no 
_entity_poly.pdbx_seq_one_letter_code       CPFVC 
_entity_poly.pdbx_seq_one_letter_code_can   CPFVC 
_entity_poly.pdbx_strand_id                 A 
_entity_poly.pdbx_target_identifier         ? 
# 
loop_
_entity_poly_seq.entity_id 
_entity_poly_seq.num 
_entity_poly_seq.mon_id 
_entity_poly_seq.hetero 
1 1 CYS n 
1 2 PRO n 
1 3 PHE n 
1 4 VAL n 
1 5 CYS n 
# 
_pdbx_entity_src_syn.entity_id              1 
_pdbx_entity_src_syn.pdbx_src_id            1 
_pdbx_entity_src_syn.pdbx_alt_source_flag   sample 
_pdbx_entity_src_syn.pdbx_beg_seq_num       ? 
_pdbx_entity_src_syn.pdbx_end_seq_num       ? 
_pdbx_entity_src_syn.organism_scientific    ? 
_pdbx_entity_src_syn.organism_common_name   ? 
_pdbx_entity_src_syn.ncbi_taxonomy_id       ? 
_pdbx_entity_src_syn.details                'Synthetic peptide' 
# 
loop_
_chem_comp.id 
_chem_comp.type 
_chem_comp.mon_nstd_flag 
_chem_comp.name 
_chem_comp.pdbx_synonyms 
_chem_comp.formula 
_chem_comp.formula_weight 
CYS 'L-peptide linking' y CYSTEINE      ? 'C3 H7 N O2 S' 121.158 
PHE 'L-peptide linking' y PHENYLALANINE ? 'C9 H11 N O2'  165.189 
PRO 'L-peptide linking' y PROLINE       ? 'C5 H9 N O2'   115.130 
VAL 'L-peptide linking' y VALINE        ? 'C5 H11 N O2'  117.146 
# 
loop_
_pdbx_poly_seq_scheme.asym_id 
_pdbx_poly_seq_scheme.entity_id 
_pdbx_poly_seq_scheme.seq_id 
_pdbx_poly_seq_scheme.mon_id 
_pdbx_poly_seq_scheme.ndb_seq_num 
_pdbx_poly_seq_scheme.pdb_seq_num 
_pdbx_poly_seq_scheme.auth_seq_num 
_pdbx_poly_seq_scheme.pdb_mon_id 
_pdbx_poly_seq_scheme.auth_mon_id 
_pdbx_poly_seq_scheme.pdb_strand_id 
_pdbx_poly_seq_scheme.pdb_ins_code 
_pdbx_poly_seq_scheme.hetero 
A 1 1 CYS 1 1 1 CYS CYS A . n 
A 1 2 PRO 2 2 2 PRO PRO A . n 
A 1 3 PHE 3 3 3 PHE PHE A . n 
A 1 4 VAL 4 4 4 VAL VAL A . n 
A 1 5 CYS 5 5 5 CYS CYS A . n 
# 
_cell.entry_id           2P7R 
_cell.length_a           1.000 
_cell.length_b           1.000 
_cell.length_c           1.000 
_cell.angle_alpha        90.00 
_cell.angle_beta         90.00 
_cell.angle_gamma        90.00 
_cell.Z_PDB              1 
_cell.pdbx_unique_axis   ? 
# 
_symmetry.entry_id                         2P7R 
_symmetry.space_group_name_H-M             'P 1' 
_symmetry.pdbx_full_space_group_name_H-M   ? 
_symmetry.cell_setting                     ? 
_symmetry.Int_Tables_number                1 
# 
_exptl.entry_id          2P7R 
_exptl.method            'SOLUTION NMR' 
_exptl.crystals_number   ? 
# 
_exptl_crystal.id                    1 
_exptl_crystal.density_meas          ? 
_exptl_crystal.density_Matthews      ? 
_exptl_crystal.density_percent_sol   ? 
_exptl_crystal.description           ? 
# 
_diffrn.id                     1 
_diffrn.ambient_temp           ? 
_diffrn.ambient_temp_details   ? 
_diffrn.crystal_id             1 
# 
_diffrn_radiation.diffrn_id                        1 
_diffrn_radiation.wavelength_id                    1 
_diffrn_radiation.monochromator                    ? 
_diffrn_radiation.pdbx_monochromatic_or_laue_m_l   M 
_diffrn_radiation.pdbx_diffrn_protocol             'SINGLE WAVELENGTH' 
_diffrn_radiation.pdbx_scattering_type             ? 
# 
_diffrn_radiation_wavelength.id           1 
_diffrn_radiation_wavelength.wavelength   . 
_diffrn_radiation_wavelength.wt           1.0 
# 
_struct.entry_id                  2P7R 
_struct.title                     'Cyclic pentapeptide which inhibits Hantavirus' 
_struct.pdbx_model_details        ? 
_struct.pdbx_CASP_flag            Y 
_struct.pdbx_model_type_details   ? 
# 
_struct_keywords.entry_id        2P7R 
_struct_keywords.pdbx_keywords   'BIOSYNTHETIC PROTEIN' 
_struct_keywords.text            'cyclic pentapeptide, BIOSYNTHETIC PROTEIN' 
# 
_struct_asym.id                            A 
_struct_asym.pdbx_blank_PDB_chainid_flag   N 
_struct_asym.pdbx_modified                 N 
_struct_asym.entity_id                     1 
_struct_asym.details                       ? 
# 
_struct_ref.id                         1 
_struct_ref.entity_id                  1 
_struct_ref.db_name                    PDB 
_struct_ref.db_code                    2P7R 
_struct_ref.pdbx_db_accession          2P7R 
_struct_ref.pdbx_db_isoform            ? 
_struct_ref.pdbx_seq_one_letter_code   ? 
_struct_ref.pdbx_align_begin           ? 
# 
_struct_ref_seq.align_id                      1 
_struct_ref_seq.ref_id                        1 
_struct_ref_seq.pdbx_PDB_id_code              2P7R 
_struct_ref_seq.pdbx_strand_id                A 
_struct_ref_seq.seq_align_beg                 1 
_struct_ref_seq.pdbx_seq_align_beg_ins_code   ? 
_struct_ref_seq.seq_align_end                 5 
_struct_ref_seq.pdbx_seq_align_end_ins_code   ? 
_struct_ref_seq.pdbx_db_accession             2P7R 
_struct_ref_seq.db_align_beg                  1 
_struct_ref_seq.pdbx_db_align_beg_ins_code    ? 
_struct_ref_seq.db_align_end                  5 
_struct_ref_seq.pdbx_db_align_end_ins_code    ? 
_struct_ref_seq.pdbx_auth_seq_align_beg       1 
_struct_ref_seq.pdbx_auth_seq_align_end       5 
# 
_pdbx_struct_assembly.id                   1 
_pdbx_struct_assembly.details              author_defined_assembly 
_pdbx_struct_assembly.method_details       ? 
_pdbx_struct_assembly.oligomeric_details   monomeric 
_pdbx_struct_assembly.oligomeric_count     1 
# 
_pdbx_struct_assembly_gen.assembly_id       1 
_pdbx_struct_assembly_gen.oper_expression   1 
_pdbx_struct_assembly_gen.asym_id_list      A 
# 
_pdbx_struct_oper_list.id                   1 
_pdbx_struct_oper_list.type                 'identity operation' 
_pdbx_struct_oper_list.name                 1_555 
_pdbx_struct_oper_list.symmetry_operation   x,y,z 
_pdbx_struct_oper_list.matrix[1][1]         1.0000000000 
_pdbx_struct_oper_list.matrix[1][2]         0.0000000000 
_pdbx_struct_oper_list.matrix[1][3]         0.0000000000 
_pdbx_struct_oper_list.vector[1]            0.0000000000 
_pdbx_struct_oper_list.matrix[2][1]         0.0000000000 
_pdbx_struct_oper_list.matrix[2][2]         1.0000000000 
_pdbx_struct_oper_list.matrix[2][3]         0.0000000000 
_pdbx_struct_oper_list.vector[2]            0.0000000000 
_pdbx_struct_oper_list.matrix[3][1]         0.0000000000 
_pdbx_struct_oper_list.matrix[3][2]         0.0000000000 
_pdbx_struct_oper_list.matrix[3][3]         1.0000000000 
_pdbx_struct_oper_list.vector[3]            0.0000000000 
# 
_struct_biol.id        1 
_struct_biol.details   ? 
# 
_struct_conn.id                            disulf1 
_struct_conn.conn_type_id                  disulf 
_struct_conn.pdbx_leaving_atom_flag        ? 
_struct_conn.pdbx_PDB_id                   ? 
_struct_conn.ptnr1_label_asym_id           A 
_struct_conn.ptnr1_label_comp_id           CYS 
_struct_conn.ptnr1_label_seq_id            1 
_struct_conn.ptnr1_label_atom_id           SG 
_struct_conn.pdbx_ptnr1_label_alt_id       ? 
_struct_conn.pdbx_ptnr1_PDB_ins_code       ? 
_struct_conn.pdbx_ptnr1_standard_comp_id   ? 
_struct_conn.ptnr1_symmetry                1_555 
_struct_conn.ptnr2_label_asym_id           A 
_struct_conn.ptnr2_label_comp_id           CYS 
_struct_conn.ptnr2_label_seq_id            5 
_struct_conn.ptnr2_label_atom_id           SG 
_struct_conn.pdbx_ptnr2_label_alt_id       ? 
_struct_conn.pdbx_ptnr2_PDB_ins_code       ? 
_struct_conn.ptnr1_auth_asym_id            A 
_struct_conn.ptnr1_auth_comp_id            CYS 
_struct_conn.ptnr1_auth_seq_id             1 
_struct_conn.ptnr2_auth_asym_id            A 
_struct_conn.ptnr2_auth_comp_id            CYS 
_struct_conn.ptnr2_auth_seq_id             5 
_struct_conn.ptnr2_symmetry                1_555 
_struct_conn.pdbx_ptnr3_label_atom_id      ? 
_struct_conn.pdbx_ptnr3_label_seq_id       ? 
_struct_conn.pdbx_ptnr3_label_comp_id      ? 
_struct_conn.pdbx_ptnr3_label_asym_id      ? 
_struct_conn.pdbx_ptnr3_label_alt_id       ? 
_struct_conn.pdbx_ptnr3_PDB_ins_code       ? 
_struct_conn.details                       ? 
_struct_conn.pdbx_dist_value               2.017 
_struct_conn.pdbx_value_order              ? 
_struct_conn.pdbx_role                     ? 
# 
_struct_conn_type.id          disulf 
_struct_conn_type.criteria    ? 
_struct_conn_type.reference   ? 
# 
_pdbx_modification_feature.ordinal                            1 
_pdbx_modification_feature.label_comp_id                      CYS 
_pdbx_modification_feature.label_asym_id                      A 
_pdbx_modification_feature.label_seq_id                       1 
_pdbx_modification_feature.label_alt_id                       ? 
_pdbx_modification_feature.modified_residue_label_comp_id     CYS 
_pdbx_modification_feature.modified_residue_label_asym_id     A 
_pdbx_modification_feature.modified_residue_label_seq_id      5 
_pdbx_modification_feature.modified_residue_label_alt_id      ? 
_pdbx_modification_feature.auth_comp_id                       CYS 
_pdbx_modification_feature.auth_asym_id                       A 
_pdbx_modification_feature.auth_seq_id                        1 
_pdbx_modification_feature.PDB_ins_code                       ? 
_pdbx_modification_feature.symmetry                           1_555 
_pdbx_modification_feature.modified_residue_auth_comp_id      CYS 
_pdbx_modification_feature.modified_residue_auth_asym_id      A 
_pdbx_modification_feature.modified_residue_auth_seq_id       5 
_pdbx_modification_feature.modified_residue_PDB_ins_code      ? 
_pdbx_modification_feature.modified_residue_symmetry          1_555 
_pdbx_modification_feature.comp_id_linking_atom               SG 
_pdbx_modification_feature.modified_residue_id_linking_atom   SG 
_pdbx_modification_feature.modified_residue_id                . 
_pdbx_modification_feature.ref_pcm_id                         . 
_pdbx_modification_feature.ref_comp_id                        . 
_pdbx_modification_feature.type                               None 
_pdbx_modification_feature.category                           'Disulfide bridge' 
# 
_pdbx_entry_details.entry_id                   2P7R 
_pdbx_entry_details.compound_details           ? 
_pdbx_entry_details.source_details             ? 
_pdbx_entry_details.nonpolymer_details         ? 
_pdbx_entry_details.sequence_details           ? 
_pdbx_entry_details.has_ligand_of_interest     ? 
_pdbx_entry_details.has_protein_modification   Y 
# 
loop_
_pdbx_validate_close_contact.id 
_pdbx_validate_close_contact.PDB_model_num 
_pdbx_validate_close_contact.auth_atom_id_1 
_pdbx_validate_close_contact.auth_asym_id_1 
_pdbx_validate_close_contact.auth_comp_id_1 
_pdbx_validate_close_contact.auth_seq_id_1 
_pdbx_validate_close_contact.PDB_ins_code_1 
_pdbx_validate_close_contact.label_alt_id_1 
_pdbx_validate_close_contact.auth_atom_id_2 
_pdbx_validate_close_contact.auth_asym_id_2 
_pdbx_validate_close_contact.auth_comp_id_2 
_pdbx_validate_close_contact.auth_seq_id_2 
_pdbx_validate_close_contact.PDB_ins_code_2 
_pdbx_validate_close_contact.label_alt_id_2 
_pdbx_validate_close_contact.dist 
1 1  H3 A CYS 1 ? ? O   A CYS 5 ? ? 1.58 
2 10 H3 A CYS 1 ? ? OXT A CYS 5 ? ? 1.57 
# 
loop_
_pdbx_validate_torsion.id 
_pdbx_validate_torsion.PDB_model_num 
_pdbx_validate_torsion.auth_comp_id 
_pdbx_validate_torsion.auth_asym_id 
_pdbx_validate_torsion.auth_seq_id 
_pdbx_validate_torsion.PDB_ins_code 
_pdbx_validate_torsion.label_alt_id 
_pdbx_validate_torsion.phi 
_pdbx_validate_torsion.psi 
1  1  VAL A 4 ? ? -150.90 -53.76 
2  2  VAL A 4 ? ? -156.35 -45.52 
3  3  PHE A 3 ? ? -105.46 -67.84 
4  4  VAL A 4 ? ? -147.42 -2.10  
5  5  PHE A 3 ? ? -88.77  -78.25 
6  5  VAL A 4 ? ? -154.45 48.76  
7  6  PHE A 3 ? ? -98.01  -60.97 
8  6  VAL A 4 ? ? -158.47 10.57  
9  7  VAL A 4 ? ? -154.48 -45.44 
10 8  PHE A 3 ? ? -73.25  -79.51 
11 8  VAL A 4 ? ? -147.52 49.32  
12 9  PHE A 3 ? ? -82.61  -88.59 
13 9  VAL A 4 ? ? -155.71 71.69  
14 10 VAL A 4 ? ? -150.32 -54.12 
15 11 VAL A 4 ? ? -151.48 -46.15 
# 
_pdbx_nmr_ensemble.entry_id                                      2P7R 
_pdbx_nmr_ensemble.conformers_calculated_total_number            ? 
_pdbx_nmr_ensemble.conformers_submitted_total_number             11 
_pdbx_nmr_ensemble.conformer_selection_criteria                  ? 
_pdbx_nmr_ensemble.average_constraints_per_residue               ? 
_pdbx_nmr_ensemble.average_constraint_violations_per_residue     ? 
_pdbx_nmr_ensemble.maximum_distance_constraint_violation         ? 
_pdbx_nmr_ensemble.average_distance_constraint_violation         ? 
_pdbx_nmr_ensemble.maximum_upper_distance_constraint_violation   ? 
_pdbx_nmr_ensemble.maximum_lower_distance_constraint_violation   ? 
_pdbx_nmr_ensemble.distance_constraint_violation_method          ? 
_pdbx_nmr_ensemble.maximum_torsion_angle_constraint_violation    ? 
_pdbx_nmr_ensemble.average_torsion_angle_constraint_violation    ? 
_pdbx_nmr_ensemble.torsion_angle_constraint_violation_method     ? 
# 
_pdbx_nmr_representative.entry_id             2P7R 
_pdbx_nmr_representative.conformer_id         1 
_pdbx_nmr_representative.selection_criteria   'lowest energy' 
# 
_pdbx_nmr_sample_details.solution_id      1 
_pdbx_nmr_sample_details.contents         '10 mM solution in H2O (90%)/ D2O (10%), 1.0 mM DSS, pH 7.4 PBS' 
_pdbx_nmr_sample_details.solvent_system   
;H2O (90%)/ D2O (10%)  
1.0 mM DSS  
pH 7.4 PBS
;
# 
_pdbx_nmr_exptl_sample_conditions.conditions_id       1 
_pdbx_nmr_exptl_sample_conditions.temperature         298 
_pdbx_nmr_exptl_sample_conditions.pressure            1 
_pdbx_nmr_exptl_sample_conditions.pH                  7.4 
_pdbx_nmr_exptl_sample_conditions.ionic_strength      PBS 
_pdbx_nmr_exptl_sample_conditions.pressure_units      atm 
_pdbx_nmr_exptl_sample_conditions.temperature_units   K 
# 
loop_
_pdbx_nmr_exptl.experiment_id 
_pdbx_nmr_exptl.conditions_id 
_pdbx_nmr_exptl.type 
_pdbx_nmr_exptl.solution_id 
1 1 '2D NOESY' 1 
2 1 '2D TOCSY' 1 
3 1 '2D ROESY' 1 
# 
_pdbx_nmr_refine.entry_id           2P7R 
_pdbx_nmr_refine.method             'simulated annealing' 
_pdbx_nmr_refine.details            '67 NOEs, 3 coupling constants' 
_pdbx_nmr_refine.software_ordinal   1 
# 
loop_
_pdbx_nmr_software.classification 
_pdbx_nmr_software.name 
_pdbx_nmr_software.version 
_pdbx_nmr_software.authors 
_pdbx_nmr_software.ordinal 
'data analysis' Felix   2004 accelrys 1 
processing      NMRPipe 2.3  Deglalio 2 
collection      XwinNMR 3.1  bruker   3 
# 
loop_
_chem_comp_atom.comp_id 
_chem_comp_atom.atom_id 
_chem_comp_atom.type_symbol 
_chem_comp_atom.pdbx_aromatic_flag 
_chem_comp_atom.pdbx_stereo_config 
_chem_comp_atom.pdbx_ordinal 
CYS N    N N N 1  
CYS CA   C N R 2  
CYS C    C N N 3  
CYS O    O N N 4  
CYS CB   C N N 5  
CYS SG   S N N 6  
CYS OXT  O N N 7  
CYS H    H N N 8  
CYS H2   H N N 9  
CYS HA   H N N 10 
CYS HB2  H N N 11 
CYS HB3  H N N 12 
CYS HG   H N N 13 
CYS HXT  H N N 14 
PHE N    N N N 15 
PHE CA   C N S 16 
PHE C    C N N 17 
PHE O    O N N 18 
PHE CB   C N N 19 
PHE CG   C Y N 20 
PHE CD1  C Y N 21 
PHE CD2  C Y N 22 
PHE CE1  C Y N 23 
PHE CE2  C Y N 24 
PHE CZ   C Y N 25 
PHE OXT  O N N 26 
PHE H    H N N 27 
PHE H2   H N N 28 
PHE HA   H N N 29 
PHE HB2  H N N 30 
PHE HB3  H N N 31 
PHE HD1  H N N 32 
PHE HD2  H N N 33 
PHE HE1  H N N 34 
PHE HE2  H N N 35 
PHE HZ   H N N 36 
PHE HXT  H N N 37 
PRO N    N N N 38 
PRO CA   C N S 39 
PRO C    C N N 40 
PRO O    O N N 41 
PRO CB   C N N 42 
PRO CG   C N N 43 
PRO CD   C N N 44 
PRO OXT  O N N 45 
PRO H    H N N 46 
PRO HA   H N N 47 
PRO HB2  H N N 48 
PRO HB3  H N N 49 
PRO HG2  H N N 50 
PRO HG3  H N N 51 
PRO HD2  H N N 52 
PRO HD3  H N N 53 
PRO HXT  H N N 54 
VAL N    N N N 55 
VAL CA   C N S 56 
VAL C    C N N 57 
VAL O    O N N 58 
VAL CB   C N N 59 
VAL CG1  C N N 60 
VAL CG2  C N N 61 
VAL OXT  O N N 62 
VAL H    H N N 63 
VAL H2   H N N 64 
VAL HA   H N N 65 
VAL HB   H N N 66 
VAL HG11 H N N 67 
VAL HG12 H N N 68 
VAL HG13 H N N 69 
VAL HG21 H N N 70 
VAL HG22 H N N 71 
VAL HG23 H N N 72 
VAL HXT  H N N 73 
# 
loop_
_chem_comp_bond.comp_id 
_chem_comp_bond.atom_id_1 
_chem_comp_bond.atom_id_2 
_chem_comp_bond.value_order 
_chem_comp_bond.pdbx_aromatic_flag 
_chem_comp_bond.pdbx_stereo_config 
_chem_comp_bond.pdbx_ordinal 
CYS N   CA   sing N N 1  
CYS N   H    sing N N 2  
CYS N   H2   sing N N 3  
CYS CA  C    sing N N 4  
CYS CA  CB   sing N N 5  
CYS CA  HA   sing N N 6  
CYS C   O    doub N N 7  
CYS C   OXT  sing N N 8  
CYS CB  SG   sing N N 9  
CYS CB  HB2  sing N N 10 
CYS CB  HB3  sing N N 11 
CYS SG  HG   sing N N 12 
CYS OXT HXT  sing N N 13 
PHE N   CA   sing N N 14 
PHE N   H    sing N N 15 
PHE N   H2   sing N N 16 
PHE CA  C    sing N N 17 
PHE CA  CB   sing N N 18 
PHE CA  HA   sing N N 19 
PHE C   O    doub N N 20 
PHE C   OXT  sing N N 21 
PHE CB  CG   sing N N 22 
PHE CB  HB2  sing N N 23 
PHE CB  HB3  sing N N 24 
PHE CG  CD1  doub Y N 25 
PHE CG  CD2  sing Y N 26 
PHE CD1 CE1  sing Y N 27 
PHE CD1 HD1  sing N N 28 
PHE CD2 CE2  doub Y N 29 
PHE CD2 HD2  sing N N 30 
PHE CE1 CZ   doub Y N 31 
PHE CE1 HE1  sing N N 32 
PHE CE2 CZ   sing Y N 33 
PHE CE2 HE2  sing N N 34 
PHE CZ  HZ   sing N N 35 
PHE OXT HXT  sing N N 36 
PRO N   CA   sing N N 37 
PRO N   CD   sing N N 38 
PRO N   H    sing N N 39 
PRO CA  C    sing N N 40 
PRO CA  CB   sing N N 41 
PRO CA  HA   sing N N 42 
PRO C   O    doub N N 43 
PRO C   OXT  sing N N 44 
PRO CB  CG   sing N N 45 
PRO CB  HB2  sing N N 46 
PRO CB  HB3  sing N N 47 
PRO CG  CD   sing N N 48 
PRO CG  HG2  sing N N 49 
PRO CG  HG3  sing N N 50 
PRO CD  HD2  sing N N 51 
PRO CD  HD3  sing N N 52 
PRO OXT HXT  sing N N 53 
VAL N   CA   sing N N 54 
VAL N   H    sing N N 55 
VAL N   H2   sing N N 56 
VAL CA  C    sing N N 57 
VAL CA  CB   sing N N 58 
VAL CA  HA   sing N N 59 
VAL C   O    doub N N 60 
VAL C   OXT  sing N N 61 
VAL CB  CG1  sing N N 62 
VAL CB  CG2  sing N N 63 
VAL CB  HB   sing N N 64 
VAL CG1 HG11 sing N N 65 
VAL CG1 HG12 sing N N 66 
VAL CG1 HG13 sing N N 67 
VAL CG2 HG21 sing N N 68 
VAL CG2 HG22 sing N N 69 
VAL CG2 HG23 sing N N 70 
VAL OXT HXT  sing N N 71 
# 
_pdbx_nmr_spectrometer.spectrometer_id   1 
_pdbx_nmr_spectrometer.model             AVANCE 
_pdbx_nmr_spectrometer.manufacturer      Bruker 
_pdbx_nmr_spectrometer.field_strength    500 
_pdbx_nmr_spectrometer.type              ? 
# 
_atom_sites.entry_id                    2P7R 
_atom_sites.fract_transf_matrix[1][1]   1.000000 
_atom_sites.fract_transf_matrix[1][2]   0.000000 
_atom_sites.fract_transf_matrix[1][3]   0.000000 
_atom_sites.fract_transf_matrix[2][1]   0.000000 
_atom_sites.fract_transf_matrix[2][2]   1.000000 
_atom_sites.fract_transf_matrix[2][3]   0.000000 
_atom_sites.fract_transf_matrix[3][1]   0.000000 
_atom_sites.fract_transf_matrix[3][2]   0.000000 
_atom_sites.fract_transf_matrix[3][3]   1.000000 
_atom_sites.fract_transf_vector[1]      0.00000 
_atom_sites.fract_transf_vector[2]      0.00000 
_atom_sites.fract_transf_vector[3]      0.00000 
# 
loop_
_atom_type.symbol 
C 
H 
N 
O 
S 
# 
loop_
_atom_site.group_PDB 
_atom_site.id 
_atom_site.type_symbol 
_atom_site.label_atom_id 
_atom_site.label_alt_id 
_atom_site.label_comp_id 
_atom_site.label_asym_id 
_atom_site.label_entity_id 
_atom_site.label_seq_id 
_atom_site.pdbx_PDB_ins_code 
_atom_site.Cartn_x 
_atom_site.Cartn_y 
_atom_site.Cartn_z 
_atom_site.occupancy 
_atom_site.B_iso_or_equiv 
_atom_site.pdbx_formal_charge 
_atom_site.auth_seq_id 
_atom_site.auth_comp_id 
_atom_site.auth_asym_id 
_atom_site.auth_atom_id 
_atom_site.pdbx_PDB_model_num 
ATOM 1   N N    . CYS A 1 1 ? -3.687 0.818  -0.730 1.00 0.00 ? 1 CYS A N    1  
ATOM 2   C CA   . CYS A 1 1 ? -2.652 0.471  -1.728 1.00 0.00 ? 1 CYS A CA   1  
ATOM 3   C C    . CYS A 1 1 ? -2.150 -1.021 -1.596 1.00 0.00 ? 1 CYS A C    1  
ATOM 4   O O    . CYS A 1 1 ? -2.406 -1.653 -0.567 1.00 0.00 ? 1 CYS A O    1  
ATOM 5   C CB   . CYS A 1 1 ? -1.465 1.465  -1.597 1.00 0.00 ? 1 CYS A CB   1  
ATOM 6   S SG   . CYS A 1 1 ? -1.970 3.201  -1.432 1.00 0.00 ? 1 CYS A SG   1  
ATOM 7   H H1   . CYS A 1 1 ? -4.095 1.761  -0.761 1.00 0.00 ? 1 CYS A H1   1  
ATOM 8   H H2   . CYS A 1 1 ? -4.384 0.105  -0.509 1.00 0.00 ? 1 CYS A H2   1  
ATOM 9   H H3   . CYS A 1 1 ? -3.211 0.935  0.211  1.00 0.00 ? 1 CYS A H3   1  
ATOM 10  H HA   . CYS A 1 1 ? -3.107 0.593  -2.728 1.00 0.00 ? 1 CYS A HA   1  
ATOM 11  H HB2  . CYS A 1 1 ? -0.801 1.199  -0.744 1.00 0.00 ? 1 CYS A HB2  1  
ATOM 12  H HB3  . CYS A 1 1 ? -0.817 1.399  -2.490 1.00 0.00 ? 1 CYS A HB3  1  
ATOM 13  N N    . PRO A 1 2 ? -1.392 -1.625 -2.558 1.00 0.00 ? 2 PRO A N    1  
ATOM 14  C CA   . PRO A 1 2 ? -0.578 -2.851 -2.278 1.00 0.00 ? 2 PRO A CA   1  
ATOM 15  C C    . PRO A 1 2 ? 0.592  -2.733 -1.231 1.00 0.00 ? 2 PRO A C    1  
ATOM 16  O O    . PRO A 1 2 ? 0.878  -3.688 -0.510 1.00 0.00 ? 2 PRO A O    1  
ATOM 17  C CB   . PRO A 1 2 ? -0.055 -3.202 -3.690 1.00 0.00 ? 2 PRO A CB   1  
ATOM 18  C CG   . PRO A 1 2 ? -0.935 -2.425 -4.672 1.00 0.00 ? 2 PRO A CG   1  
ATOM 19  C CD   . PRO A 1 2 ? -1.250 -1.128 -3.938 1.00 0.00 ? 2 PRO A CD   1  
ATOM 20  H HA   . PRO A 1 2 ? -1.253 -3.658 -1.929 1.00 0.00 ? 2 PRO A HA   1  
ATOM 21  H HB2  . PRO A 1 2 ? 0.992  -2.856 -3.799 1.00 0.00 ? 2 PRO A HB2  1  
ATOM 22  H HB3  . PRO A 1 2 ? -0.050 -4.292 -3.879 1.00 0.00 ? 2 PRO A HB3  1  
ATOM 23  H HG2  . PRO A 1 2 ? -0.441 -2.257 -5.647 1.00 0.00 ? 2 PRO A HG2  1  
ATOM 24  H HG3  . PRO A 1 2 ? -1.876 -2.979 -4.864 1.00 0.00 ? 2 PRO A HG3  1  
ATOM 25  H HD2  . PRO A 1 2 ? -0.415 -0.403 -4.008 1.00 0.00 ? 2 PRO A HD2  1  
ATOM 26  H HD3  . PRO A 1 2 ? -2.160 -0.653 -4.352 1.00 0.00 ? 2 PRO A HD3  1  
ATOM 27  N N    . PHE A 1 3 ? 1.305  -1.593 -1.223 1.00 0.00 ? 3 PHE A N    1  
ATOM 28  C CA   . PHE A 1 3 ? 2.664  -1.475 -0.609 1.00 0.00 ? 3 PHE A CA   1  
ATOM 29  C C    . PHE A 1 3 ? 2.694  -0.916 0.857  1.00 0.00 ? 3 PHE A C    1  
ATOM 30  O O    . PHE A 1 3 ? 3.456  -1.418 1.684  1.00 0.00 ? 3 PHE A O    1  
ATOM 31  C CB   . PHE A 1 3 ? 3.572  -0.622 -1.561 1.00 0.00 ? 3 PHE A CB   1  
ATOM 32  C CG   . PHE A 1 3 ? 3.470  -0.885 -3.084 1.00 0.00 ? 3 PHE A CG   1  
ATOM 33  C CD1  . PHE A 1 3 ? 4.004  -2.039 -3.667 1.00 0.00 ? 3 PHE A CD1  1  
ATOM 34  C CD2  . PHE A 1 3 ? 2.636  -0.057 -3.842 1.00 0.00 ? 3 PHE A CD2  1  
ATOM 35  C CE1  . PHE A 1 3 ? 3.697  -2.364 -4.989 1.00 0.00 ? 3 PHE A CE1  1  
ATOM 36  C CE2  . PHE A 1 3 ? 2.331  -0.379 -5.160 1.00 0.00 ? 3 PHE A CE2  1  
ATOM 37  C CZ   . PHE A 1 3 ? 2.845  -1.541 -5.726 1.00 0.00 ? 3 PHE A CZ   1  
ATOM 38  H H    . PHE A 1 3 ? 1.118  -1.047 -2.070 1.00 0.00 ? 3 PHE A H    1  
ATOM 39  H HA   . PHE A 1 3 ? 3.124  -2.482 -0.559 1.00 0.00 ? 3 PHE A HA   1  
ATOM 40  H HB2  . PHE A 1 3 ? 3.385  0.453  -1.368 1.00 0.00 ? 3 PHE A HB2  1  
ATOM 41  H HB3  . PHE A 1 3 ? 4.624  -0.753 -1.248 1.00 0.00 ? 3 PHE A HB3  1  
ATOM 42  H HD1  . PHE A 1 3 ? 4.607  -2.710 -3.074 1.00 0.00 ? 3 PHE A HD1  1  
ATOM 43  H HD2  . PHE A 1 3 ? 2.162  0.793  -3.378 1.00 0.00 ? 3 PHE A HD2  1  
ATOM 44  H HE1  . PHE A 1 3 ? 4.085  -3.272 -5.432 1.00 0.00 ? 3 PHE A HE1  1  
ATOM 45  H HE2  . PHE A 1 3 ? 1.646  0.250  -5.709 1.00 0.00 ? 3 PHE A HE2  1  
ATOM 46  H HZ   . PHE A 1 3 ? 2.565  -1.822 -6.727 1.00 0.00 ? 3 PHE A HZ   1  
ATOM 47  N N    . VAL A 1 4 ? 1.929  0.153  1.157  1.00 0.00 ? 4 VAL A N    1  
ATOM 48  C CA   . VAL A 1 4 ? 1.830  0.744  2.532  1.00 0.00 ? 4 VAL A CA   1  
ATOM 49  C C    . VAL A 1 4 ? 0.439  1.431  2.800  1.00 0.00 ? 4 VAL A C    1  
ATOM 50  O O    . VAL A 1 4 ? -0.199 1.131  3.812  1.00 0.00 ? 4 VAL A O    1  
ATOM 51  C CB   . VAL A 1 4 ? 3.072  1.653  2.863  1.00 0.00 ? 4 VAL A CB   1  
ATOM 52  C CG1  . VAL A 1 4 ? 3.134  3.028  2.151  1.00 0.00 ? 4 VAL A CG1  1  
ATOM 53  C CG2  . VAL A 1 4 ? 3.199  1.900  4.380  1.00 0.00 ? 4 VAL A CG2  1  
ATOM 54  H H    . VAL A 1 4 ? 1.186  0.297  0.468  1.00 0.00 ? 4 VAL A H    1  
ATOM 55  H HA   . VAL A 1 4 ? 1.854  -0.101 3.250  1.00 0.00 ? 4 VAL A HA   1  
ATOM 56  H HB   . VAL A 1 4 ? 3.979  1.086  2.556  1.00 0.00 ? 4 VAL A HB   1  
ATOM 57  H HG11 . VAL A 1 4 ? 2.890  2.941  1.077  1.00 0.00 ? 4 VAL A HG11 1  
ATOM 58  H HG12 . VAL A 1 4 ? 2.417  3.754  2.581  1.00 0.00 ? 4 VAL A HG12 1  
ATOM 59  H HG13 . VAL A 1 4 ? 4.139  3.484  2.226  1.00 0.00 ? 4 VAL A HG13 1  
ATOM 60  H HG21 . VAL A 1 4 ? 2.277  2.330  4.817  1.00 0.00 ? 4 VAL A HG21 1  
ATOM 61  H HG22 . VAL A 1 4 ? 4.025  2.594  4.620  1.00 0.00 ? 4 VAL A HG22 1  
ATOM 62  H HG23 . VAL A 1 4 ? 3.427  0.964  4.930  1.00 0.00 ? 4 VAL A HG23 1  
ATOM 63  N N    . CYS A 1 5 ? 0.009  2.368  1.930  1.00 0.00 ? 5 CYS A N    1  
ATOM 64  C CA   . CYS A 1 5 ? -1.263 3.110  2.083  1.00 0.00 ? 5 CYS A CA   1  
ATOM 65  C C    . CYS A 1 5 ? -2.528 2.359  1.565  1.00 0.00 ? 5 CYS A C    1  
ATOM 66  O O    . CYS A 1 5 ? -2.603 1.112  1.654  1.00 0.00 ? 5 CYS A O    1  
ATOM 67  C CB   . CYS A 1 5 ? -1.003 4.452  1.360  1.00 0.00 ? 5 CYS A CB   1  
ATOM 68  S SG   . CYS A 1 5 ? -0.589 4.250  -0.400 1.00 0.00 ? 5 CYS A SG   1  
ATOM 69  O OXT  . CYS A 1 5 ? -3.456 2.987  0.998  1.00 0.00 ? 5 CYS A OXT  1  
ATOM 70  H H    . CYS A 1 5 ? 0.750  2.708  1.317  1.00 0.00 ? 5 CYS A H    1  
ATOM 71  H HA   . CYS A 1 5 ? -1.446 3.315  3.154  1.00 0.00 ? 5 CYS A HA   1  
ATOM 72  H HB2  . CYS A 1 5 ? -1.905 5.086  1.434  1.00 0.00 ? 5 CYS A HB2  1  
ATOM 73  H HB3  . CYS A 1 5 ? -0.199 5.022  1.861  1.00 0.00 ? 5 CYS A HB3  1  
ATOM 74  N N    . CYS A 1 1 ? -3.601 0.951  -1.009 1.00 0.00 ? 1 CYS A N    2  
ATOM 75  C CA   . CYS A 1 1 ? -2.479 0.513  -1.865 1.00 0.00 ? 1 CYS A CA   2  
ATOM 76  C C    . CYS A 1 1 ? -2.194 -1.026 -1.663 1.00 0.00 ? 1 CYS A C    2  
ATOM 77  O O    . CYS A 1 1 ? -2.579 -1.576 -0.625 1.00 0.00 ? 1 CYS A O    2  
ATOM 78  C CB   . CYS A 1 1 ? -1.239 1.363  -1.475 1.00 0.00 ? 1 CYS A CB   2  
ATOM 79  S SG   . CYS A 1 1 ? -1.573 3.151  -1.497 1.00 0.00 ? 1 CYS A SG   2  
ATOM 80  H H1   . CYS A 1 1 ? -3.501 0.425  -0.122 1.00 0.00 ? 1 CYS A H1   2  
ATOM 81  H H2   . CYS A 1 1 ? -4.566 0.840  -1.313 1.00 0.00 ? 1 CYS A H2   2  
ATOM 82  H H3   . CYS A 1 1 ? -3.457 1.872  -0.528 1.00 0.00 ? 1 CYS A H3   2  
ATOM 83  H HA   . CYS A 1 1 ? -2.739 0.706  -2.923 1.00 0.00 ? 1 CYS A HA   2  
ATOM 84  H HB2  . CYS A 1 1 ? -0.910 1.089  -0.455 1.00 0.00 ? 1 CYS A HB2  2  
ATOM 85  H HB3  . CYS A 1 1 ? -0.354 1.144  -2.106 1.00 0.00 ? 1 CYS A HB3  2  
ATOM 86  N N    . PRO A 1 2 ? -1.467 -1.763 -2.546 1.00 0.00 ? 2 PRO A N    2  
ATOM 87  C CA   . PRO A 1 2 ? -0.686 -2.952 -2.086 1.00 0.00 ? 2 PRO A CA   2  
ATOM 88  C C    . PRO A 1 2 ? 0.580  -2.683 -1.175 1.00 0.00 ? 2 PRO A C    2  
ATOM 89  O O    . PRO A 1 2 ? 0.946  -3.540 -0.373 1.00 0.00 ? 2 PRO A O    2  
ATOM 90  C CB   . PRO A 1 2 ? -0.340 -3.580 -3.443 1.00 0.00 ? 2 PRO A CB   2  
ATOM 91  C CG   . PRO A 1 2 ? -0.167 -2.403 -4.400 1.00 0.00 ? 2 PRO A CG   2  
ATOM 92  C CD   . PRO A 1 2 ? -1.141 -1.325 -3.916 1.00 0.00 ? 2 PRO A CD   2  
ATOM 93  H HA   . PRO A 1 2 ? -1.336 -3.652 -1.526 1.00 0.00 ? 2 PRO A HA   2  
ATOM 94  H HB2  . PRO A 1 2 ? 0.577  -4.185 -3.372 1.00 0.00 ? 2 PRO A HB2  2  
ATOM 95  H HB3  . PRO A 1 2 ? -1.154 -4.252 -3.781 1.00 0.00 ? 2 PRO A HB3  2  
ATOM 96  H HG2  . PRO A 1 2 ? 0.868  -2.041 -4.288 1.00 0.00 ? 2 PRO A HG2  2  
ATOM 97  H HG3  . PRO A 1 2 ? -0.305 -2.674 -5.462 1.00 0.00 ? 2 PRO A HG3  2  
ATOM 98  H HD2  . PRO A 1 2 ? -0.670 -0.321 -3.934 1.00 0.00 ? 2 PRO A HD2  2  
ATOM 99  H HD3  . PRO A 1 2 ? -2.047 -1.298 -4.551 1.00 0.00 ? 2 PRO A HD3  2  
ATOM 100 N N    . PHE A 1 3 ? 1.260  -1.533 -1.337 1.00 0.00 ? 3 PHE A N    2  
ATOM 101 C CA   . PHE A 1 3 ? 2.610  -1.277 -0.751 1.00 0.00 ? 3 PHE A CA   2  
ATOM 102 C C    . PHE A 1 3 ? 2.653  -0.857 0.766  1.00 0.00 ? 3 PHE A C    2  
ATOM 103 O O    . PHE A 1 3 ? 3.440  -1.416 1.529  1.00 0.00 ? 3 PHE A O    2  
ATOM 104 C CB   . PHE A 1 3 ? 3.317  -0.219 -1.661 1.00 0.00 ? 3 PHE A CB   2  
ATOM 105 C CG   . PHE A 1 3 ? 3.333  -0.461 -3.188 1.00 0.00 ? 3 PHE A CG   2  
ATOM 106 C CD1  . PHE A 1 3 ? 4.094  -1.477 -3.779 1.00 0.00 ? 3 PHE A CD1  2  
ATOM 107 C CD2  . PHE A 1 3 ? 2.437  0.269  -3.974 1.00 0.00 ? 3 PHE A CD2  2  
ATOM 108 C CE1  . PHE A 1 3 ? 3.932  -1.772 -5.134 1.00 0.00 ? 3 PHE A CE1  2  
ATOM 109 C CE2  . PHE A 1 3 ? 2.295  -0.009 -5.329 1.00 0.00 ? 3 PHE A CE2  2  
ATOM 110 C CZ   . PHE A 1 3 ? 3.027  -1.044 -5.902 1.00 0.00 ? 3 PHE A CZ   2  
ATOM 111 H H    . PHE A 1 3 ? 1.041  -1.103 -2.243 1.00 0.00 ? 3 PHE A H    2  
ATOM 112 H HA   . PHE A 1 3 ? 3.202  -2.210 -0.823 1.00 0.00 ? 3 PHE A HA   2  
ATOM 113 H HB2  . PHE A 1 3 ? 2.882  0.776  -1.449 1.00 0.00 ? 3 PHE A HB2  2  
ATOM 114 H HB3  . PHE A 1 3 ? 4.354  -0.098 -1.319 1.00 0.00 ? 3 PHE A HB3  2  
ATOM 115 H HD1  . PHE A 1 3 ? 4.793  -2.057 -3.193 1.00 0.00 ? 3 PHE A HD1  2  
ATOM 116 H HD2  . PHE A 1 3 ? 1.791  0.997  -3.514 1.00 0.00 ? 3 PHE A HD2  2  
ATOM 117 H HE1  . PHE A 1 3 ? 4.500  -2.575 -5.591 1.00 0.00 ? 3 PHE A HE1  2  
ATOM 118 H HE2  . PHE A 1 3 ? 1.557  0.534  -5.898 1.00 0.00 ? 3 PHE A HE2  2  
ATOM 119 H HZ   . PHE A 1 3 ? 2.876  -1.302 -6.938 1.00 0.00 ? 3 PHE A HZ   2  
ATOM 120 N N    . VAL A 1 4 ? 1.877  0.165  1.176  1.00 0.00 ? 4 VAL A N    2  
ATOM 121 C CA   . VAL A 1 4 ? 1.828  0.677  2.595  1.00 0.00 ? 4 VAL A CA   2  
ATOM 122 C C    . VAL A 1 4 ? 0.473  1.423  2.916  1.00 0.00 ? 4 VAL A C    2  
ATOM 123 O O    . VAL A 1 4 ? -0.118 1.201  3.975  1.00 0.00 ? 4 VAL A O    2  
ATOM 124 C CB   . VAL A 1 4 ? 3.129  1.496  2.972  1.00 0.00 ? 4 VAL A CB   2  
ATOM 125 C CG1  . VAL A 1 4 ? 3.207  2.941  2.423  1.00 0.00 ? 4 VAL A CG1  2  
ATOM 126 C CG2  . VAL A 1 4 ? 3.406  1.552  4.497  1.00 0.00 ? 4 VAL A CG2  2  
ATOM 127 H H    . VAL A 1 4 ? 1.097  0.334  0.535  1.00 0.00 ? 4 VAL A H    2  
ATOM 128 H HA   . VAL A 1 4 ? 1.811  -0.214 3.254  1.00 0.00 ? 4 VAL A HA   2  
ATOM 129 H HB   . VAL A 1 4 ? 3.975  0.939  2.523  1.00 0.00 ? 4 VAL A HB   2  
ATOM 130 H HG11 . VAL A 1 4 ? 2.934  2.987  1.353  1.00 0.00 ? 4 VAL A HG11 2  
ATOM 131 H HG12 . VAL A 1 4 ? 4.222  3.366  2.527  1.00 0.00 ? 4 VAL A HG12 2  
ATOM 132 H HG13 . VAL A 1 4 ? 2.512  3.622  2.952  1.00 0.00 ? 4 VAL A HG13 2  
ATOM 133 H HG21 . VAL A 1 4 ? 2.620  2.119  5.033  1.00 0.00 ? 4 VAL A HG21 2  
ATOM 134 H HG22 . VAL A 1 4 ? 3.413  0.537  4.937  1.00 0.00 ? 4 VAL A HG22 2  
ATOM 135 H HG23 . VAL A 1 4 ? 4.389  2.012  4.760  1.00 0.00 ? 4 VAL A HG23 2  
ATOM 136 N N    . CYS A 1 5 ? 0.014  2.310  2.011  1.00 0.00 ? 5 CYS A N    2  
ATOM 137 C CA   . CYS A 1 5 ? -1.271 3.039  2.107  1.00 0.00 ? 5 CYS A CA   2  
ATOM 138 C C    . CYS A 1 5 ? -2.499 2.306  1.468  1.00 0.00 ? 5 CYS A C    2  
ATOM 139 O O    . CYS A 1 5 ? -3.329 2.951  0.777  1.00 0.00 ? 5 CYS A O    2  
ATOM 140 C CB   . CYS A 1 5 ? -0.949 4.385  1.413  1.00 0.00 ? 5 CYS A CB   2  
ATOM 141 S SG   . CYS A 1 5 ? -0.310 4.160  -0.283 1.00 0.00 ? 5 CYS A SG   2  
ATOM 142 O OXT  . CYS A 1 5 ? -2.631 1.065  1.575  1.00 0.00 ? 5 CYS A OXT  2  
ATOM 143 H H    . CYS A 1 5 ? 0.685  2.514  1.271  1.00 0.00 ? 5 CYS A H    2  
ATOM 144 H HA   . CYS A 1 5 ? -1.527 3.225  3.166  1.00 0.00 ? 5 CYS A HA   2  
ATOM 145 H HB2  . CYS A 1 5 ? -1.859 5.012  1.371  1.00 0.00 ? 5 CYS A HB2  2  
ATOM 146 H HB3  . CYS A 1 5 ? -0.218 4.968  2.005  1.00 0.00 ? 5 CYS A HB3  2  
ATOM 147 N N    . CYS A 1 1 ? -3.107 0.723  -0.179 1.00 0.00 ? 1 CYS A N    3  
ATOM 148 C CA   . CYS A 1 1 ? -2.317 0.441  -1.414 1.00 0.00 ? 1 CYS A CA   3  
ATOM 149 C C    . CYS A 1 1 ? -1.870 -1.076 -1.528 1.00 0.00 ? 1 CYS A C    3  
ATOM 150 O O    . CYS A 1 1 ? -2.070 -1.811 -0.557 1.00 0.00 ? 1 CYS A O    3  
ATOM 151 C CB   . CYS A 1 1 ? -1.103 1.398  -1.434 1.00 0.00 ? 1 CYS A CB   3  
ATOM 152 S SG   . CYS A 1 1 ? -1.530 3.151  -1.589 1.00 0.00 ? 1 CYS A SG   3  
ATOM 153 H H1   . CYS A 1 1 ? -4.131 0.663  -0.286 1.00 0.00 ? 1 CYS A H1   3  
ATOM 154 H H2   . CYS A 1 1 ? -2.922 1.616  0.320  1.00 0.00 ? 1 CYS A H2   3  
ATOM 155 H H3   . CYS A 1 1 ? -2.871 0.061  0.573  1.00 0.00 ? 1 CYS A H3   3  
ATOM 156 H HA   . CYS A 1 1 ? -2.950 0.664  -2.294 1.00 0.00 ? 1 CYS A HA   3  
ATOM 157 H HB2  . CYS A 1 1 ? -0.425 1.225  -0.580 1.00 0.00 ? 1 CYS A HB2  3  
ATOM 158 H HB3  . CYS A 1 1 ? -0.465 1.192  -2.307 1.00 0.00 ? 1 CYS A HB3  3  
ATOM 159 N N    . PRO A 1 2 ? -1.231 -1.604 -2.624 1.00 0.00 ? 2 PRO A N    3  
ATOM 160 C CA   . PRO A 1 2 ? -0.505 -2.919 -2.580 1.00 0.00 ? 2 PRO A CA   3  
ATOM 161 C C    . PRO A 1 2 ? 0.694  -3.045 -1.564 1.00 0.00 ? 2 PRO A C    3  
ATOM 162 O O    . PRO A 1 2 ? 0.962  -4.120 -1.030 1.00 0.00 ? 2 PRO A O    3  
ATOM 163 C CB   . PRO A 1 2 ? -0.063 -3.106 -4.055 1.00 0.00 ? 2 PRO A CB   3  
ATOM 164 C CG   . PRO A 1 2 ? -0.840 -2.070 -4.876 1.00 0.00 ? 2 PRO A CG   3  
ATOM 165 C CD   . PRO A 1 2 ? -1.044 -0.906 -3.909 1.00 0.00 ? 2 PRO A CD   3  
ATOM 166 H HA   . PRO A 1 2 ? -1.231 -3.714 -2.319 1.00 0.00 ? 2 PRO A HA   3  
ATOM 167 H HB2  . PRO A 1 2 ? 1.024  -2.913 -4.170 1.00 0.00 ? 2 PRO A HB2  3  
ATOM 168 H HB3  . PRO A 1 2 ? -0.229 -4.142 -4.411 1.00 0.00 ? 2 PRO A HB3  3  
ATOM 169 H HG2  . PRO A 1 2 ? -0.288 -1.756 -5.782 1.00 0.00 ? 2 PRO A HG2  3  
ATOM 170 H HG3  . PRO A 1 2 ? -1.819 -2.476 -5.198 1.00 0.00 ? 2 PRO A HG3  3  
ATOM 171 H HD2  . PRO A 1 2 ? -0.129 -0.282 -3.886 1.00 0.00 ? 2 PRO A HD2  3  
ATOM 172 H HD3  . PRO A 1 2 ? -1.886 -0.249 -4.191 1.00 0.00 ? 2 PRO A HD3  3  
ATOM 173 N N    . PHE A 1 3 ? 1.404  -1.932 -1.335 1.00 0.00 ? 3 PHE A N    3  
ATOM 174 C CA   . PHE A 1 3 ? 2.623  -1.832 -0.481 1.00 0.00 ? 3 PHE A CA   3  
ATOM 175 C C    . PHE A 1 3 ? 2.279  -1.126 0.876  1.00 0.00 ? 3 PHE A C    3  
ATOM 176 O O    . PHE A 1 3 ? 2.328  -1.756 1.932  1.00 0.00 ? 3 PHE A O    3  
ATOM 177 C CB   . PHE A 1 3 ? 3.816  -1.153 -1.268 1.00 0.00 ? 3 PHE A CB   3  
ATOM 178 C CG   . PHE A 1 3 ? 3.542  -0.519 -2.653 1.00 0.00 ? 3 PHE A CG   3  
ATOM 179 C CD1  . PHE A 1 3 ? 2.874  0.706  -2.732 1.00 0.00 ? 3 PHE A CD1  3  
ATOM 180 C CD2  . PHE A 1 3 ? 3.711  -1.281 -3.810 1.00 0.00 ? 3 PHE A CD2  3  
ATOM 181 C CE1  . PHE A 1 3 ? 2.402  1.176  -3.955 1.00 0.00 ? 3 PHE A CE1  3  
ATOM 182 C CE2  . PHE A 1 3 ? 3.222  -0.820 -5.030 1.00 0.00 ? 3 PHE A CE2  3  
ATOM 183 C CZ   . PHE A 1 3 ? 2.570  0.406  -5.101 1.00 0.00 ? 3 PHE A CZ   3  
ATOM 184 H H    . PHE A 1 3 ? 1.207  -1.184 -2.009 1.00 0.00 ? 3 PHE A H    3  
ATOM 185 H HA   . PHE A 1 3 ? 2.964  -2.848 -0.201 1.00 0.00 ? 3 PHE A HA   3  
ATOM 186 H HB2  . PHE A 1 3 ? 4.270  -0.368 -0.630 1.00 0.00 ? 3 PHE A HB2  3  
ATOM 187 H HB3  . PHE A 1 3 ? 4.632  -1.891 -1.365 1.00 0.00 ? 3 PHE A HB3  3  
ATOM 188 H HD1  . PHE A 1 3 ? 2.640  1.242  -1.829 1.00 0.00 ? 3 PHE A HD1  3  
ATOM 189 H HD2  . PHE A 1 3 ? 4.201  -2.246 -3.766 1.00 0.00 ? 3 PHE A HD2  3  
ATOM 190 H HE1  . PHE A 1 3 ? 1.867  2.114  -4.004 1.00 0.00 ? 3 PHE A HE1  3  
ATOM 191 H HE2  . PHE A 1 3 ? 3.361  -1.414 -5.922 1.00 0.00 ? 3 PHE A HE2  3  
ATOM 192 H HZ   . PHE A 1 3 ? 2.192  0.751  -6.049 1.00 0.00 ? 3 PHE A HZ   3  
ATOM 193 N N    . VAL A 1 4 ? 1.947  0.181  0.852  1.00 0.00 ? 4 VAL A N    3  
ATOM 194 C CA   . VAL A 1 4 ? 1.632  0.984  2.069  1.00 0.00 ? 4 VAL A CA   3  
ATOM 195 C C    . VAL A 1 4 ? 0.647  2.140  1.663  1.00 0.00 ? 4 VAL A C    3  
ATOM 196 O O    . VAL A 1 4 ? 0.992  2.990  0.840  1.00 0.00 ? 4 VAL A O    3  
ATOM 197 C CB   . VAL A 1 4 ? 2.955  1.470  2.766  1.00 0.00 ? 4 VAL A CB   3  
ATOM 198 C CG1  . VAL A 1 4 ? 3.741  2.550  1.992  1.00 0.00 ? 4 VAL A CG1  3  
ATOM 199 C CG2  . VAL A 1 4 ? 2.735  1.975  4.212  1.00 0.00 ? 4 VAL A CG2  3  
ATOM 200 H H    . VAL A 1 4 ? 2.032  0.630  -0.060 1.00 0.00 ? 4 VAL A H    3  
ATOM 201 H HA   . VAL A 1 4 ? 1.113  0.323  2.793  1.00 0.00 ? 4 VAL A HA   3  
ATOM 202 H HB   . VAL A 1 4 ? 3.618  0.583  2.849  1.00 0.00 ? 4 VAL A HB   3  
ATOM 203 H HG11 . VAL A 1 4 ? 4.672  2.828  2.517  1.00 0.00 ? 4 VAL A HG11 3  
ATOM 204 H HG12 . VAL A 1 4 ? 4.017  2.214  0.975  1.00 0.00 ? 4 VAL A HG12 3  
ATOM 205 H HG13 . VAL A 1 4 ? 3.168  3.490  1.879  1.00 0.00 ? 4 VAL A HG13 3  
ATOM 206 H HG21 . VAL A 1 4 ? 2.126  2.899  4.240  1.00 0.00 ? 4 VAL A HG21 3  
ATOM 207 H HG22 . VAL A 1 4 ? 2.207  1.224  4.828  1.00 0.00 ? 4 VAL A HG22 3  
ATOM 208 H HG23 . VAL A 1 4 ? 3.700  2.191  4.728  1.00 0.00 ? 4 VAL A HG23 3  
ATOM 209 N N    . CYS A 1 5 ? -0.591 2.116  2.176  1.00 0.00 ? 5 CYS A N    3  
ATOM 210 C CA   . CYS A 1 5 ? -1.433 3.324  2.407  1.00 0.00 ? 5 CYS A CA   3  
ATOM 211 C C    . CYS A 1 5 ? -2.835 2.845  2.881  1.00 0.00 ? 5 CYS A C    3  
ATOM 212 O O    . CYS A 1 5 ? -3.557 2.186  2.085  1.00 0.00 ? 5 CYS A O    3  
ATOM 213 C CB   . CYS A 1 5 ? -1.577 4.385  1.284  1.00 0.00 ? 5 CYS A CB   3  
ATOM 214 S SG   . CYS A 1 5 ? -2.630 3.819  -0.061 1.00 0.00 ? 5 CYS A SG   3  
ATOM 215 O OXT  . CYS A 1 5 ? -3.202 3.091  4.047  1.00 0.00 ? 5 CYS A OXT  3  
ATOM 216 H H    . CYS A 1 5 ? -0.715 1.365  2.859  1.00 0.00 ? 5 CYS A H    3  
ATOM 217 H HA   . CYS A 1 5 ? -0.957 3.845  3.260  1.00 0.00 ? 5 CYS A HA   3  
ATOM 218 H HB2  . CYS A 1 5 ? -2.045 5.291  1.713  1.00 0.00 ? 5 CYS A HB2  3  
ATOM 219 H HB3  . CYS A 1 5 ? -0.597 4.712  0.897  1.00 0.00 ? 5 CYS A HB3  3  
ATOM 220 N N    . CYS A 1 1 ? -3.709 0.895  -0.906 1.00 0.00 ? 1 CYS A N    4  
ATOM 221 C CA   . CYS A 1 1 ? -2.658 0.527  -1.873 1.00 0.00 ? 1 CYS A CA   4  
ATOM 222 C C    . CYS A 1 1 ? -2.233 -0.990 -1.744 1.00 0.00 ? 1 CYS A C    4  
ATOM 223 O O    . CYS A 1 1 ? -2.594 -1.635 -0.755 1.00 0.00 ? 1 CYS A O    4  
ATOM 224 C CB   . CYS A 1 1 ? -1.438 1.456  -1.632 1.00 0.00 ? 1 CYS A CB   4  
ATOM 225 S SG   . CYS A 1 1 ? -1.849 3.208  -1.421 1.00 0.00 ? 1 CYS A SG   4  
ATOM 226 H H1   . CYS A 1 1 ? -3.331 0.670  0.047  1.00 0.00 ? 1 CYS A H1   4  
ATOM 227 H H2   . CYS A 1 1 ? -4.607 0.417  -0.929 1.00 0.00 ? 1 CYS A H2   4  
ATOM 228 H H3   . CYS A 1 1 ? -3.807 1.901  -0.676 1.00 0.00 ? 1 CYS A H3   4  
ATOM 229 H HA   . CYS A 1 1 ? -3.052 0.701  -2.891 1.00 0.00 ? 1 CYS A HA   4  
ATOM 230 H HB2  . CYS A 1 1 ? -0.854 1.134  -0.745 1.00 0.00 ? 1 CYS A HB2  4  
ATOM 231 H HB3  . CYS A 1 1 ? -0.737 1.385  -2.483 1.00 0.00 ? 1 CYS A HB3  4  
ATOM 232 N N    . PRO A 1 2 ? -1.416 -1.599 -2.649 1.00 0.00 ? 2 PRO A N    4  
ATOM 233 C CA   . PRO A 1 2 ? -0.636 -2.833 -2.309 1.00 0.00 ? 2 PRO A CA   4  
ATOM 234 C C    . PRO A 1 2 ? 0.463  -2.723 -1.184 1.00 0.00 ? 2 PRO A C    4  
ATOM 235 O O    . PRO A 1 2 ? 0.669  -3.672 -0.428 1.00 0.00 ? 2 PRO A O    4  
ATOM 236 C CB   . PRO A 1 2 ? -0.025 -3.195 -3.681 1.00 0.00 ? 2 PRO A CB   4  
ATOM 237 C CG   . PRO A 1 2 ? -0.798 -2.374 -4.716 1.00 0.00 ? 2 PRO A CG   4  
ATOM 238 C CD   . PRO A 1 2 ? -1.128 -1.074 -3.994 1.00 0.00 ? 2 PRO A CD   4  
ATOM 239 H HA   . PRO A 1 2 ? -1.342 -3.631 -2.005 1.00 0.00 ? 2 PRO A HA   4  
ATOM 240 H HB2  . PRO A 1 2 ? 1.043  -2.902 -3.711 1.00 0.00 ? 2 PRO A HB2  4  
ATOM 241 H HB3  . PRO A 1 2 ? -0.058 -4.283 -3.883 1.00 0.00 ? 2 PRO A HB3  4  
ATOM 242 H HG2  . PRO A 1 2 ? -0.230 -2.218 -5.653 1.00 0.00 ? 2 PRO A HG2  4  
ATOM 243 H HG3  . PRO A 1 2 ? -1.742 -2.889 -4.978 1.00 0.00 ? 2 PRO A HG3  4  
ATOM 244 H HD2  . PRO A 1 2 ? -0.262 -0.383 -3.972 1.00 0.00 ? 2 PRO A HD2  4  
ATOM 245 H HD3  . PRO A 1 2 ? -1.980 -0.559 -4.477 1.00 0.00 ? 2 PRO A HD3  4  
ATOM 246 N N    . PHE A 1 3 ? 1.211  -1.605 -1.144 1.00 0.00 ? 3 PHE A N    4  
ATOM 247 C CA   . PHE A 1 3 ? 2.552  -1.543 -0.485 1.00 0.00 ? 3 PHE A CA   4  
ATOM 248 C C    . PHE A 1 3 ? 2.556  -0.980 0.982  1.00 0.00 ? 3 PHE A C    4  
ATOM 249 O O    . PHE A 1 3 ? 3.112  -1.615 1.878  1.00 0.00 ? 3 PHE A O    4  
ATOM 250 C CB   . PHE A 1 3 ? 3.518  -0.734 -1.418 1.00 0.00 ? 3 PHE A CB   4  
ATOM 251 C CG   . PHE A 1 3 ? 3.503  -1.060 -2.930 1.00 0.00 ? 3 PHE A CG   4  
ATOM 252 C CD1  . PHE A 1 3 ? 4.064  -2.233 -3.448 1.00 0.00 ? 3 PHE A CD1  4  
ATOM 253 C CD2  . PHE A 1 3 ? 2.736  -0.240 -3.762 1.00 0.00 ? 3 PHE A CD2  4  
ATOM 254 C CE1  . PHE A 1 3 ? 3.825  -2.593 -4.776 1.00 0.00 ? 3 PHE A CE1  4  
ATOM 255 C CE2  . PHE A 1 3 ? 2.509  -0.595 -5.088 1.00 0.00 ? 3 PHE A CE2  4  
ATOM 256 C CZ   . PHE A 1 3 ? 3.039  -1.780 -5.588 1.00 0.00 ? 3 PHE A CZ   4  
ATOM 257 H H    . PHE A 1 3 ? 1.093  -1.083 -2.018 1.00 0.00 ? 3 PHE A H    4  
ATOM 258 H HA   . PHE A 1 3 ? 2.970  -2.568 -0.417 1.00 0.00 ? 3 PHE A HA   4  
ATOM 259 H HB2  . PHE A 1 3 ? 3.301  0.345  -1.279 1.00 0.00 ? 3 PHE A HB2  4  
ATOM 260 H HB3  . PHE A 1 3 ? 4.553  -0.842 -1.042 1.00 0.00 ? 3 PHE A HB3  4  
ATOM 261 H HD1  . PHE A 1 3 ? 4.663  -2.886 -2.827 1.00 0.00 ? 3 PHE A HD1  4  
ATOM 262 H HD2  . PHE A 1 3 ? 2.256  0.637  -3.355 1.00 0.00 ? 3 PHE A HD2  4  
ATOM 263 H HE1  . PHE A 1 3 ? 4.242  -3.510 -5.175 1.00 0.00 ? 3 PHE A HE1  4  
ATOM 264 H HE2  . PHE A 1 3 ? 1.873  0.035  -5.693 1.00 0.00 ? 3 PHE A HE2  4  
ATOM 265 H HZ   . PHE A 1 3 ? 2.833  -2.078 -6.604 1.00 0.00 ? 3 PHE A HZ   4  
ATOM 266 N N    . VAL A 1 4 ? 2.018  0.236  1.209  1.00 0.00 ? 4 VAL A N    4  
ATOM 267 C CA   . VAL A 1 4 ? 2.072  0.950  2.536  1.00 0.00 ? 4 VAL A CA   4  
ATOM 268 C C    . VAL A 1 4 ? 0.823  1.869  2.872  1.00 0.00 ? 4 VAL A C    4  
ATOM 269 O O    . VAL A 1 4 ? 0.797  2.493  3.938  1.00 0.00 ? 4 VAL A O    4  
ATOM 270 C CB   . VAL A 1 4 ? 3.458  1.706  2.636  1.00 0.00 ? 4 VAL A CB   4  
ATOM 271 C CG1  . VAL A 1 4 ? 3.492  3.105  1.969  1.00 0.00 ? 4 VAL A CG1  4  
ATOM 272 C CG2  . VAL A 1 4 ? 3.979  1.845  4.085  1.00 0.00 ? 4 VAL A CG2  4  
ATOM 273 H H    . VAL A 1 4 ? 1.537  0.636  0.401  1.00 0.00 ? 4 VAL A H    4  
ATOM 274 H HA   . VAL A 1 4 ? 2.048  0.180  3.334  1.00 0.00 ? 4 VAL A HA   4  
ATOM 275 H HB   . VAL A 1 4 ? 4.209  1.081  2.109  1.00 0.00 ? 4 VAL A HB   4  
ATOM 276 H HG11 . VAL A 1 4 ? 2.986  3.094  0.986  1.00 0.00 ? 4 VAL A HG11 4  
ATOM 277 H HG12 . VAL A 1 4 ? 4.523  3.472  1.820  1.00 0.00 ? 4 VAL A HG12 4  
ATOM 278 H HG13 . VAL A 1 4 ? 2.958  3.862  2.576  1.00 0.00 ? 4 VAL A HG13 4  
ATOM 279 H HG21 . VAL A 1 4 ? 3.332  2.507  4.694  1.00 0.00 ? 4 VAL A HG21 4  
ATOM 280 H HG22 . VAL A 1 4 ? 4.000  0.865  4.599  1.00 0.00 ? 4 VAL A HG22 4  
ATOM 281 H HG23 . VAL A 1 4 ? 5.016  2.250  4.147  1.00 0.00 ? 4 VAL A HG23 4  
ATOM 282 N N    . CYS A 1 5 ? -0.169 1.997  1.971  1.00 0.00 ? 5 CYS A N    4  
ATOM 283 C CA   . CYS A 1 5 ? -1.330 2.900  2.131  1.00 0.00 ? 5 CYS A CA   4  
ATOM 284 C C    . CYS A 1 5 ? -2.617 2.239  1.544  1.00 0.00 ? 5 CYS A C    4  
ATOM 285 O O    . CYS A 1 5 ? -3.470 2.931  0.934  1.00 0.00 ? 5 CYS A O    4  
ATOM 286 C CB   . CYS A 1 5 ? -0.956 4.249  1.470  1.00 0.00 ? 5 CYS A CB   4  
ATOM 287 S SG   . CYS A 1 5 ? -0.457 4.099  -0.271 1.00 0.00 ? 5 CYS A SG   4  
ATOM 288 O OXT  . CYS A 1 5 ? -2.766 0.994  1.598  1.00 0.00 ? 5 CYS A OXT  4  
ATOM 289 H H    . CYS A 1 5 ? -0.337 1.123  1.472  1.00 0.00 ? 5 CYS A H    4  
ATOM 290 H HA   . CYS A 1 5 ? -1.539 3.072  3.202  1.00 0.00 ? 5 CYS A HA   4  
ATOM 291 H HB2  . CYS A 1 5 ? -1.819 4.931  1.527  1.00 0.00 ? 5 CYS A HB2  4  
ATOM 292 H HB3  . CYS A 1 5 ? -0.141 4.736  2.036  1.00 0.00 ? 5 CYS A HB3  4  
ATOM 293 N N    . CYS A 1 1 ? -3.699 0.852  -0.818 1.00 0.00 ? 1 CYS A N    5  
ATOM 294 C CA   . CYS A 1 1 ? -2.819 0.399  -1.914 1.00 0.00 ? 1 CYS A CA   5  
ATOM 295 C C    . CYS A 1 1 ? -2.221 -1.043 -1.680 1.00 0.00 ? 1 CYS A C    5  
ATOM 296 O O    . CYS A 1 1 ? -2.403 -1.592 -0.588 1.00 0.00 ? 1 CYS A O    5  
ATOM 297 C CB   . CYS A 1 1 ? -1.721 1.481  -2.068 1.00 0.00 ? 1 CYS A CB   5  
ATOM 298 S SG   . CYS A 1 1 ? -0.473 1.329  -0.773 1.00 0.00 ? 1 CYS A SG   5  
ATOM 299 H H1   . CYS A 1 1 ? -3.271 1.673  -0.311 1.00 0.00 ? 1 CYS A H1   5  
ATOM 300 H H2   . CYS A 1 1 ? -3.698 0.223  0.000  1.00 0.00 ? 1 CYS A H2   5  
ATOM 301 H H3   . CYS A 1 1 ? -4.650 1.154  -1.026 1.00 0.00 ? 1 CYS A H3   5  
ATOM 302 H HA   . CYS A 1 1 ? -3.424 0.364  -2.840 1.00 0.00 ? 1 CYS A HA   5  
ATOM 303 H HB2  . CYS A 1 1 ? -1.202 1.384  -3.034 1.00 0.00 ? 1 CYS A HB2  5  
ATOM 304 H HB3  . CYS A 1 1 ? -2.106 2.514  -2.052 1.00 0.00 ? 1 CYS A HB3  5  
ATOM 305 N N    . PRO A 1 2 ? -1.458 -1.676 -2.617 1.00 0.00 ? 2 PRO A N    5  
ATOM 306 C CA   . PRO A 1 2 ? -0.601 -2.861 -2.281 1.00 0.00 ? 2 PRO A CA   5  
ATOM 307 C C    . PRO A 1 2 ? 0.575  -2.683 -1.250 1.00 0.00 ? 2 PRO A C    5  
ATOM 308 O O    . PRO A 1 2 ? 0.966  -3.643 -0.589 1.00 0.00 ? 2 PRO A O    5  
ATOM 309 C CB   . PRO A 1 2 ? -0.089 -3.271 -3.680 1.00 0.00 ? 2 PRO A CB   5  
ATOM 310 C CG   . PRO A 1 2 ? -1.037 -2.602 -4.678 1.00 0.00 ? 2 PRO A CG   5  
ATOM 311 C CD   . PRO A 1 2 ? -1.372 -1.267 -4.032 1.00 0.00 ? 2 PRO A CD   5  
ATOM 312 H HA   . PRO A 1 2 ? -1.253 -3.668 -1.889 1.00 0.00 ? 2 PRO A HA   5  
ATOM 313 H HB2  . PRO A 1 2 ? 0.945  -2.905 -3.849 1.00 0.00 ? 2 PRO A HB2  5  
ATOM 314 H HB3  . PRO A 1 2 ? -0.049 -4.370 -3.800 1.00 0.00 ? 2 PRO A HB3  5  
ATOM 315 H HG2  . PRO A 1 2 ? -0.597 -2.492 -5.687 1.00 0.00 ? 2 PRO A HG2  5  
ATOM 316 H HG3  . PRO A 1 2 ? -1.967 -3.192 -4.768 1.00 0.00 ? 2 PRO A HG3  5  
ATOM 317 H HD2  . PRO A 1 2 ? -0.558 -0.534 -4.187 1.00 0.00 ? 2 PRO A HD2  5  
ATOM 318 H HD3  . PRO A 1 2 ? -2.306 -0.836 -4.440 1.00 0.00 ? 2 PRO A HD3  5  
ATOM 319 N N    . PHE A 1 3 ? 1.171  -1.481 -1.185 1.00 0.00 ? 3 PHE A N    5  
ATOM 320 C CA   . PHE A 1 3 ? 2.512  -1.254 -0.576 1.00 0.00 ? 3 PHE A CA   5  
ATOM 321 C C    . PHE A 1 3 ? 2.472  -0.950 0.968  1.00 0.00 ? 3 PHE A C    5  
ATOM 322 O O    . PHE A 1 3 ? 2.777  -1.823 1.780  1.00 0.00 ? 3 PHE A O    5  
ATOM 323 C CB   . PHE A 1 3 ? 3.219  -0.151 -1.441 1.00 0.00 ? 3 PHE A CB   5  
ATOM 324 C CG   . PHE A 1 3 ? 3.262  -0.385 -2.966 1.00 0.00 ? 3 PHE A CG   5  
ATOM 325 C CD1  . PHE A 1 3 ? 4.056  -1.385 -3.532 1.00 0.00 ? 3 PHE A CD1  5  
ATOM 326 C CD2  . PHE A 1 3 ? 2.332  0.289  -3.762 1.00 0.00 ? 3 PHE A CD2  5  
ATOM 327 C CE1  . PHE A 1 3 ? 3.894  -1.728 -4.872 1.00 0.00 ? 3 PHE A CE1  5  
ATOM 328 C CE2  . PHE A 1 3 ? 2.178  -0.047 -5.104 1.00 0.00 ? 3 PHE A CE2  5  
ATOM 329 C CZ   . PHE A 1 3 ? 2.949  -1.067 -5.653 1.00 0.00 ? 3 PHE A CZ   5  
ATOM 330 H H    . PHE A 1 3 ? 0.928  -0.935 -2.019 1.00 0.00 ? 3 PHE A H    5  
ATOM 331 H HA   . PHE A 1 3 ? 3.120  -2.176 -0.679 1.00 0.00 ? 3 PHE A HA   5  
ATOM 332 H HB2  . PHE A 1 3 ? 2.720  0.823  -1.244 1.00 0.00 ? 3 PHE A HB2  5  
ATOM 333 H HB3  . PHE A 1 3 ? 4.252  -0.006 -1.075 1.00 0.00 ? 3 PHE A HB3  5  
ATOM 334 H HD1  . PHE A 1 3 ? 4.768  -1.933 -2.928 1.00 0.00 ? 3 PHE A HD1  5  
ATOM 335 H HD2  . PHE A 1 3 ? 1.686  1.027  -3.311 1.00 0.00 ? 3 PHE A HD2  5  
ATOM 336 H HE1  . PHE A 1 3 ? 4.495  -2.517 -5.303 1.00 0.00 ? 3 PHE A HE1  5  
ATOM 337 H HE2  . PHE A 1 3 ? 1.438  0.461  -5.704 1.00 0.00 ? 3 PHE A HE2  5  
ATOM 338 H HZ   . PHE A 1 3 ? 2.810  -1.358 -6.680 1.00 0.00 ? 3 PHE A HZ   5  
ATOM 339 N N    . VAL A 1 4 ? 2.126  0.287  1.365  1.00 0.00 ? 4 VAL A N    5  
ATOM 340 C CA   . VAL A 1 4 ? 1.991  0.722  2.800  1.00 0.00 ? 4 VAL A CA   5  
ATOM 341 C C    . VAL A 1 4 ? 0.988  1.945  2.916  1.00 0.00 ? 4 VAL A C    5  
ATOM 342 O O    . VAL A 1 4 ? 1.293  2.990  3.498  1.00 0.00 ? 4 VAL A O    5  
ATOM 343 C CB   . VAL A 1 4 ? 3.421  0.950  3.430  1.00 0.00 ? 4 VAL A CB   5  
ATOM 344 C CG1  . VAL A 1 4 ? 4.253  2.075  2.760  1.00 0.00 ? 4 VAL A CG1  5  
ATOM 345 C CG2  . VAL A 1 4 ? 3.390  1.173  4.963  1.00 0.00 ? 4 VAL A CG2  5  
ATOM 346 H H    . VAL A 1 4 ? 1.829  0.901  0.604  1.00 0.00 ? 4 VAL A H    5  
ATOM 347 H HA   . VAL A 1 4 ? 1.510  -0.097 3.371  1.00 0.00 ? 4 VAL A HA   5  
ATOM 348 H HB   . VAL A 1 4 ? 3.977  0.004  3.265  1.00 0.00 ? 4 VAL A HB   5  
ATOM 349 H HG11 . VAL A 1 4 ? 3.634  2.975  2.575  1.00 0.00 ? 4 VAL A HG11 5  
ATOM 350 H HG12 . VAL A 1 4 ? 4.625  1.753  1.771  1.00 0.00 ? 4 VAL A HG12 5  
ATOM 351 H HG13 . VAL A 1 4 ? 5.137  2.375  3.352  1.00 0.00 ? 4 VAL A HG13 5  
ATOM 352 H HG21 . VAL A 1 4 ? 2.902  2.129  5.234  1.00 0.00 ? 4 VAL A HG21 5  
ATOM 353 H HG22 . VAL A 1 4 ? 2.825  0.371  5.476  1.00 0.00 ? 4 VAL A HG22 5  
ATOM 354 H HG23 . VAL A 1 4 ? 4.404  1.190  5.427  1.00 0.00 ? 4 VAL A HG23 5  
ATOM 355 N N    . CYS A 1 5 ? -0.201 1.844  2.294  1.00 0.00 ? 5 CYS A N    5  
ATOM 356 C CA   . CYS A 1 5 ? -1.082 2.995  1.971  1.00 0.00 ? 5 CYS A CA   5  
ATOM 357 C C    . CYS A 1 5 ? -2.446 2.480  1.399  1.00 0.00 ? 5 CYS A C    5  
ATOM 358 O O    . CYS A 1 5 ? -3.019 3.104  0.473  1.00 0.00 ? 5 CYS A O    5  
ATOM 359 C CB   . CYS A 1 5 ? -0.350 3.954  0.990  1.00 0.00 ? 5 CYS A CB   5  
ATOM 360 S SG   . CYS A 1 5 ? 0.413  3.093  -0.411 1.00 0.00 ? 5 CYS A SG   5  
ATOM 361 O OXT  . CYS A 1 5 ? -2.937 1.395  1.790  1.00 0.00 ? 5 CYS A OXT  5  
ATOM 362 H H    . CYS A 1 5 ? -0.478 0.902  2.004  1.00 0.00 ? 5 CYS A H    5  
ATOM 363 H HA   . CYS A 1 5 ? -1.316 3.543  2.902  1.00 0.00 ? 5 CYS A HA   5  
ATOM 364 H HB2  . CYS A 1 5 ? -1.053 4.705  0.597  1.00 0.00 ? 5 CYS A HB2  5  
ATOM 365 H HB3  . CYS A 1 5 ? 0.433  4.522  1.523  1.00 0.00 ? 5 CYS A HB3  5  
ATOM 366 N N    . CYS A 1 1 ? -3.578 0.832  -0.741 1.00 0.00 ? 1 CYS A N    6  
ATOM 367 C CA   . CYS A 1 1 ? -2.597 0.465  -1.776 1.00 0.00 ? 1 CYS A CA   6  
ATOM 368 C C    . CYS A 1 1 ? -2.151 -1.044 -1.679 1.00 0.00 ? 1 CYS A C    6  
ATOM 369 O O    . CYS A 1 1 ? -2.393 -1.674 -0.645 1.00 0.00 ? 1 CYS A O    6  
ATOM 370 C CB   . CYS A 1 1 ? -1.372 1.402  -1.619 1.00 0.00 ? 1 CYS A CB   6  
ATOM 371 S SG   . CYS A 1 1 ? -1.780 3.160  -1.448 1.00 0.00 ? 1 CYS A SG   6  
ATOM 372 H H1   . CYS A 1 1 ? -3.393 1.777  -0.329 1.00 0.00 ? 1 CYS A H1   6  
ATOM 373 H H2   . CYS A 1 1 ? -3.388 0.353  0.160  1.00 0.00 ? 1 CYS A H2   6  
ATOM 374 H H3   . CYS A 1 1 ? -4.576 0.748  -0.925 1.00 0.00 ? 1 CYS A H3   6  
ATOM 375 H HA   . CYS A 1 1 ? -3.061 0.643  -2.765 1.00 0.00 ? 1 CYS A HA   6  
ATOM 376 H HB2  . CYS A 1 1 ? -0.745 1.104  -0.756 1.00 0.00 ? 1 CYS A HB2  6  
ATOM 377 H HB3  . CYS A 1 1 ? -0.722 1.302  -2.507 1.00 0.00 ? 1 CYS A HB3  6  
ATOM 378 N N    . PRO A 1 2 ? -1.420 -1.650 -2.659 1.00 0.00 ? 2 PRO A N    6  
ATOM 379 C CA   . PRO A 1 2 ? -0.616 -2.888 -2.400 1.00 0.00 ? 2 PRO A CA   6  
ATOM 380 C C    . PRO A 1 2 ? 0.546  -2.813 -1.339 1.00 0.00 ? 2 PRO A C    6  
ATOM 381 O O    . PRO A 1 2 ? 0.872  -3.820 -0.711 1.00 0.00 ? 2 PRO A O    6  
ATOM 382 C CB   . PRO A 1 2 ? -0.102 -3.212 -3.821 1.00 0.00 ? 2 PRO A CB   6  
ATOM 383 C CG   . PRO A 1 2 ? -1.013 -2.438 -4.777 1.00 0.00 ? 2 PRO A CG   6  
ATOM 384 C CD   . PRO A 1 2 ? -1.287 -1.137 -4.034 1.00 0.00 ? 2 PRO A CD   6  
ATOM 385 H HA   . PRO A 1 2 ? -1.302 -3.695 -2.073 1.00 0.00 ? 2 PRO A HA   6  
ATOM 386 H HB2  . PRO A 1 2 ? 0.938  -2.849 -3.940 1.00 0.00 ? 2 PRO A HB2  6  
ATOM 387 H HB3  . PRO A 1 2 ? -0.083 -4.300 -4.025 1.00 0.00 ? 2 PRO A HB3  6  
ATOM 388 H HG2  . PRO A 1 2 ? -0.558 -2.276 -5.773 1.00 0.00 ? 2 PRO A HG2  6  
ATOM 389 H HG3  . PRO A 1 2 ? -1.971 -2.973 -4.914 1.00 0.00 ? 2 PRO A HG3  6  
ATOM 390 H HD2  . PRO A 1 2 ? -0.433 -0.436 -4.121 1.00 0.00 ? 2 PRO A HD2  6  
ATOM 391 H HD3  . PRO A 1 2 ? -2.189 -0.625 -4.416 1.00 0.00 ? 2 PRO A HD3  6  
ATOM 392 N N    . PHE A 1 3 ? 1.192  -1.641 -1.192 1.00 0.00 ? 3 PHE A N    6  
ATOM 393 C CA   . PHE A 1 3 ? 2.513  -1.506 -0.506 1.00 0.00 ? 3 PHE A CA   6  
ATOM 394 C C    . PHE A 1 3 ? 2.431  -1.040 0.991  1.00 0.00 ? 3 PHE A C    6  
ATOM 395 O O    . PHE A 1 3 ? 2.947  -1.714 1.884  1.00 0.00 ? 3 PHE A O    6  
ATOM 396 C CB   . PHE A 1 3 ? 3.423  -0.542 -1.349 1.00 0.00 ? 3 PHE A CB   6  
ATOM 397 C CG   . PHE A 1 3 ? 3.397  -0.678 -2.883 1.00 0.00 ? 3 PHE A CG   6  
ATOM 398 C CD1  . PHE A 1 3 ? 4.033  -1.737 -3.531 1.00 0.00 ? 3 PHE A CD1  6  
ATOM 399 C CD2  . PHE A 1 3 ? 2.555  0.170  -3.610 1.00 0.00 ? 3 PHE A CD2  6  
ATOM 400 C CE1  . PHE A 1 3 ? 3.814  -1.955 -4.889 1.00 0.00 ? 3 PHE A CE1  6  
ATOM 401 C CE2  . PHE A 1 3 ? 2.343  -0.043 -4.969 1.00 0.00 ? 3 PHE A CE2  6  
ATOM 402 C CZ   . PHE A 1 3 ? 2.963  -1.114 -5.601 1.00 0.00 ? 3 PHE A CZ   6  
ATOM 403 H H    . PHE A 1 3 ? 1.016  -1.041 -2.004 1.00 0.00 ? 3 PHE A H    6  
ATOM 404 H HA   . PHE A 1 3 ? 3.022  -2.489 -0.497 1.00 0.00 ? 3 PHE A HA   6  
ATOM 405 H HB2  . PHE A 1 3 ? 3.167  0.506  -1.092 1.00 0.00 ? 3 PHE A HB2  6  
ATOM 406 H HB3  . PHE A 1 3 ? 4.467  -0.640 -1.000 1.00 0.00 ? 3 PHE A HB3  6  
ATOM 407 H HD1  . PHE A 1 3 ? 4.670  -2.420 -2.982 1.00 0.00 ? 3 PHE A HD1  6  
ATOM 408 H HD2  . PHE A 1 3 ? 2.017  0.953  -3.099 1.00 0.00 ? 3 PHE A HD2  6  
ATOM 409 H HE1  . PHE A 1 3 ? 4.299  -2.782 -5.385 1.00 0.00 ? 3 PHE A HE1  6  
ATOM 410 H HE2  . PHE A 1 3 ? 1.671  0.602  -5.516 1.00 0.00 ? 3 PHE A HE2  6  
ATOM 411 H HZ   . PHE A 1 3 ? 2.782  -1.305 -6.647 1.00 0.00 ? 3 PHE A HZ   6  
ATOM 412 N N    . VAL A 1 4 ? 1.878  0.162  1.243  1.00 0.00 ? 4 VAL A N    6  
ATOM 413 C CA   . VAL A 1 4 ? 2.004  0.905  2.548  1.00 0.00 ? 4 VAL A CA   6  
ATOM 414 C C    . VAL A 1 4 ? 0.875  1.994  2.805  1.00 0.00 ? 4 VAL A C    6  
ATOM 415 O O    . VAL A 1 4 ? 0.990  2.803  3.729  1.00 0.00 ? 4 VAL A O    6  
ATOM 416 C CB   . VAL A 1 4 ? 3.476  1.474  2.656  1.00 0.00 ? 4 VAL A CB   6  
ATOM 417 C CG1  . VAL A 1 4 ? 3.790  2.653  1.703  1.00 0.00 ? 4 VAL A CG1  6  
ATOM 418 C CG2  . VAL A 1 4 ? 3.900  1.863  4.093  1.00 0.00 ? 4 VAL A CG2  6  
ATOM 419 H H    . VAL A 1 4 ? 1.442  0.598  0.429  1.00 0.00 ? 4 VAL A H    6  
ATOM 420 H HA   . VAL A 1 4 ? 1.868  0.174  3.369  1.00 0.00 ? 4 VAL A HA   6  
ATOM 421 H HB   . VAL A 1 4 ? 4.158  0.647  2.369  1.00 0.00 ? 4 VAL A HB   6  
ATOM 422 H HG11 . VAL A 1 4 ? 3.168  3.537  1.940  1.00 0.00 ? 4 VAL A HG11 6  
ATOM 423 H HG12 . VAL A 1 4 ? 4.848  2.969  1.770  1.00 0.00 ? 4 VAL A HG12 6  
ATOM 424 H HG13 . VAL A 1 4 ? 3.598  2.393  0.647  1.00 0.00 ? 4 VAL A HG13 6  
ATOM 425 H HG21 . VAL A 1 4 ? 3.391  2.780  4.448  1.00 0.00 ? 4 VAL A HG21 6  
ATOM 426 H HG22 . VAL A 1 4 ? 3.653  1.063  4.816  1.00 0.00 ? 4 VAL A HG22 6  
ATOM 427 H HG23 . VAL A 1 4 ? 4.995  2.039  4.187  1.00 0.00 ? 4 VAL A HG23 6  
ATOM 428 N N    . CYS A 1 5 ? -0.204 2.040  1.996  1.00 0.00 ? 5 CYS A N    6  
ATOM 429 C CA   . CYS A 1 5 ? -1.304 3.023  2.133  1.00 0.00 ? 5 CYS A CA   6  
ATOM 430 C C    . CYS A 1 5 ? -2.628 2.387  1.611  1.00 0.00 ? 5 CYS A C    6  
ATOM 431 O O    . CYS A 1 5 ? -3.385 3.022  0.838  1.00 0.00 ? 5 CYS A O    6  
ATOM 432 C CB   . CYS A 1 5 ? -0.890 4.328  1.411  1.00 0.00 ? 5 CYS A CB   6  
ATOM 433 S SG   . CYS A 1 5 ? -0.390 4.089  -0.320 1.00 0.00 ? 5 CYS A SG   6  
ATOM 434 O OXT  . CYS A 1 5 ? -2.897 1.191  1.883  1.00 0.00 ? 5 CYS A OXT  6  
ATOM 435 H H    . CYS A 1 5 ? -0.456 1.116  1.643  1.00 0.00 ? 5 CYS A H    6  
ATOM 436 H HA   . CYS A 1 5 ? -1.477 3.248  3.202  1.00 0.00 ? 5 CYS A HA   6  
ATOM 437 H HB2  . CYS A 1 5 ? -1.729 5.045  1.444  1.00 0.00 ? 5 CYS A HB2  6  
ATOM 438 H HB3  . CYS A 1 5 ? -0.058 4.810  1.954  1.00 0.00 ? 5 CYS A HB3  6  
ATOM 439 N N    . CYS A 1 1 ? -3.663 0.941  -0.991 1.00 0.00 ? 1 CYS A N    7  
ATOM 440 C CA   . CYS A 1 1 ? -2.554 0.532  -1.876 1.00 0.00 ? 1 CYS A CA   7  
ATOM 441 C C    . CYS A 1 1 ? -2.213 -0.998 -1.677 1.00 0.00 ? 1 CYS A C    7  
ATOM 442 O O    . CYS A 1 1 ? -2.605 -1.572 -0.657 1.00 0.00 ? 1 CYS A O    7  
ATOM 443 C CB   . CYS A 1 1 ? -1.334 1.423  -1.518 1.00 0.00 ? 1 CYS A CB   7  
ATOM 444 S SG   . CYS A 1 1 ? -1.721 3.198  -1.479 1.00 0.00 ? 1 CYS A SG   7  
ATOM 445 H H1   . CYS A 1 1 ? -3.472 0.465  -0.085 1.00 0.00 ? 1 CYS A H1   7  
ATOM 446 H H2   . CYS A 1 1 ? -3.568 1.885  -0.552 1.00 0.00 ? 1 CYS A H2   7  
ATOM 447 H H3   . CYS A 1 1 ? -4.629 0.723  -1.225 1.00 0.00 ? 1 CYS A H3   7  
ATOM 448 H HA   . CYS A 1 1 ? -2.847 0.710  -2.928 1.00 0.00 ? 1 CYS A HA   7  
ATOM 449 H HB2  . CYS A 1 1 ? -0.945 1.140  -0.523 1.00 0.00 ? 1 CYS A HB2  7  
ATOM 450 H HB3  . CYS A 1 1 ? -0.480 1.261  -2.201 1.00 0.00 ? 1 CYS A HB3  7  
ATOM 451 N N    . PRO A 1 2 ? -1.438 -1.699 -2.550 1.00 0.00 ? 2 PRO A N    7  
ATOM 452 C CA   . PRO A 1 2 ? -0.677 -2.906 -2.105 1.00 0.00 ? 2 PRO A CA   7  
ATOM 453 C C    . PRO A 1 2 ? 0.577  -2.672 -1.171 1.00 0.00 ? 2 PRO A C    7  
ATOM 454 O O    . PRO A 1 2 ? 0.895  -3.539 -0.358 1.00 0.00 ? 2 PRO A O    7  
ATOM 455 C CB   . PRO A 1 2 ? -0.330 -3.516 -3.470 1.00 0.00 ? 2 PRO A CB   7  
ATOM 456 C CG   . PRO A 1 2 ? -0.137 -2.322 -4.404 1.00 0.00 ? 2 PRO A CG   7  
ATOM 457 C CD   . PRO A 1 2 ? -1.092 -1.236 -3.906 1.00 0.00 ? 2 PRO A CD   7  
ATOM 458 H HA   . PRO A 1 2 ? -1.343 -3.608 -1.567 1.00 0.00 ? 2 PRO A HA   7  
ATOM 459 H HB2  . PRO A 1 2 ? 0.581  -4.133 -3.404 1.00 0.00 ? 2 PRO A HB2  7  
ATOM 460 H HB3  . PRO A 1 2 ? -1.149 -4.171 -3.827 1.00 0.00 ? 2 PRO A HB3  7  
ATOM 461 H HG2  . PRO A 1 2 ? 0.903  -1.981 -4.283 1.00 0.00 ? 2 PRO A HG2  7  
ATOM 462 H HG3  . PRO A 1 2 ? -0.272 -2.572 -5.472 1.00 0.00 ? 2 PRO A HG3  7  
ATOM 463 H HD2  . PRO A 1 2 ? -0.600 -0.243 -3.896 1.00 0.00 ? 2 PRO A HD2  7  
ATOM 464 H HD3  . PRO A 1 2 ? -1.990 -1.174 -4.550 1.00 0.00 ? 2 PRO A HD3  7  
ATOM 465 N N    . PHE A 1 3 ? 1.306  -1.548 -1.320 1.00 0.00 ? 3 PHE A N    7  
ATOM 466 C CA   . PHE A 1 3 ? 2.653  -1.352 -0.699 1.00 0.00 ? 3 PHE A CA   7  
ATOM 467 C C    . PHE A 1 3 ? 2.677  -0.886 0.803  1.00 0.00 ? 3 PHE A C    7  
ATOM 468 O O    . PHE A 1 3 ? 3.456  -1.423 1.592  1.00 0.00 ? 3 PHE A O    7  
ATOM 469 C CB   . PHE A 1 3 ? 3.474  -0.369 -1.598 1.00 0.00 ? 3 PHE A CB   7  
ATOM 470 C CG   . PHE A 1 3 ? 3.476  -0.604 -3.125 1.00 0.00 ? 3 PHE A CG   7  
ATOM 471 C CD1  . PHE A 1 3 ? 4.168  -1.664 -3.721 1.00 0.00 ? 3 PHE A CD1  7  
ATOM 472 C CD2  . PHE A 1 3 ? 2.633  0.191  -3.909 1.00 0.00 ? 3 PHE A CD2  7  
ATOM 473 C CE1  . PHE A 1 3 ? 3.994  -1.938 -5.079 1.00 0.00 ? 3 PHE A CE1  7  
ATOM 474 C CE2  . PHE A 1 3 ? 2.482  -0.065 -5.267 1.00 0.00 ? 3 PHE A CE2  7  
ATOM 475 C CZ   . PHE A 1 3 ? 3.144  -1.143 -5.846 1.00 0.00 ? 3 PHE A CZ   7  
ATOM 476 H H    . PHE A 1 3 ? 1.118  -1.101 -2.222 1.00 0.00 ? 3 PHE A H    7  
ATOM 477 H HA   . PHE A 1 3 ? 3.189  -2.322 -0.723 1.00 0.00 ? 3 PHE A HA   7  
ATOM 478 H HB2  . PHE A 1 3 ? 3.121  0.662  -1.391 1.00 0.00 ? 3 PHE A HB2  7  
ATOM 479 H HB3  . PHE A 1 3 ? 4.521  -0.356 -1.246 1.00 0.00 ? 3 PHE A HB3  7  
ATOM 480 H HD1  . PHE A 1 3 ? 4.825  -2.296 -3.136 1.00 0.00 ? 3 PHE A HD1  7  
ATOM 481 H HD2  . PHE A 1 3 ? 2.031  0.953  -3.444 1.00 0.00 ? 3 PHE A HD2  7  
ATOM 482 H HE1  . PHE A 1 3 ? 4.510  -2.772 -5.540 1.00 0.00 ? 3 PHE A HE1  7  
ATOM 483 H HE2  . PHE A 1 3 ? 1.784  0.531  -5.834 1.00 0.00 ? 3 PHE A HE2  7  
ATOM 484 H HZ   . PHE A 1 3 ? 2.980  -1.382 -6.884 1.00 0.00 ? 3 PHE A HZ   7  
ATOM 485 N N    . VAL A 1 4 ? 1.905  0.156  1.174  1.00 0.00 ? 4 VAL A N    7  
ATOM 486 C CA   . VAL A 1 4 ? 1.869  0.721  2.574  1.00 0.00 ? 4 VAL A CA   7  
ATOM 487 C C    . VAL A 1 4 ? 0.505  1.446  2.902  1.00 0.00 ? 4 VAL A C    7  
ATOM 488 O O    . VAL A 1 4 ? -0.047 1.251  3.987  1.00 0.00 ? 4 VAL A O    7  
ATOM 489 C CB   . VAL A 1 4 ? 3.161  1.579  2.886  1.00 0.00 ? 4 VAL A CB   7  
ATOM 490 C CG1  . VAL A 1 4 ? 3.171  3.029  2.346  1.00 0.00 ? 4 VAL A CG1  7  
ATOM 491 C CG2  . VAL A 1 4 ? 3.510  1.636  4.394  1.00 0.00 ? 4 VAL A CG2  7  
ATOM 492 H H    . VAL A 1 4 ? 1.123  0.300  0.531  1.00 0.00 ? 4 VAL A H    7  
ATOM 493 H HA   . VAL A 1 4 ? 1.885  -0.146 3.265  1.00 0.00 ? 4 VAL A HA   7  
ATOM 494 H HB   . VAL A 1 4 ? 4.006  1.052  2.396  1.00 0.00 ? 4 VAL A HB   7  
ATOM 495 H HG11 . VAL A 1 4 ? 2.846  3.077  1.292  1.00 0.00 ? 4 VAL A HG11 7  
ATOM 496 H HG12 . VAL A 1 4 ? 4.176  3.486  2.405  1.00 0.00 ? 4 VAL A HG12 7  
ATOM 497 H HG13 . VAL A 1 4 ? 2.483  3.685  2.914  1.00 0.00 ? 4 VAL A HG13 7  
ATOM 498 H HG21 . VAL A 1 4 ? 3.567  0.620  4.829  1.00 0.00 ? 4 VAL A HG21 7  
ATOM 499 H HG22 . VAL A 1 4 ? 2.741  2.184  4.973  1.00 0.00 ? 4 VAL A HG22 7  
ATOM 500 H HG23 . VAL A 1 4 ? 4.495  2.119  4.605  1.00 0.00 ? 4 VAL A HG23 7  
ATOM 501 N N    . CYS A 1 5 ? -0.002 2.289  1.980  1.00 0.00 ? 5 CYS A N    7  
ATOM 502 C CA   . CYS A 1 5 ? -1.292 3.006  2.107  1.00 0.00 ? 5 CYS A CA   7  
ATOM 503 C C    . CYS A 1 5 ? -2.522 2.267  1.483  1.00 0.00 ? 5 CYS A C    7  
ATOM 504 O O    . CYS A 1 5 ? -3.389 2.915  0.840  1.00 0.00 ? 5 CYS A O    7  
ATOM 505 C CB   . CYS A 1 5 ? -0.997 4.368  1.428  1.00 0.00 ? 5 CYS A CB   7  
ATOM 506 S SG   . CYS A 1 5 ? -0.424 4.193  -0.292 1.00 0.00 ? 5 CYS A SG   7  
ATOM 507 O OXT  . CYS A 1 5 ? -2.622 1.019  1.549  1.00 0.00 ? 5 CYS A OXT  7  
ATOM 508 H H    . CYS A 1 5 ? 0.631  2.474  1.205  1.00 0.00 ? 5 CYS A H    7  
ATOM 509 H HA   . CYS A 1 5 ? -1.534 3.177  3.172  1.00 0.00 ? 5 CYS A HA   7  
ATOM 510 H HB2  . CYS A 1 5 ? -1.908 4.991  1.437  1.00 0.00 ? 5 CYS A HB2  7  
ATOM 511 H HB3  . CYS A 1 5 ? -0.245 4.936  2.005  1.00 0.00 ? 5 CYS A HB3  7  
ATOM 512 N N    . CYS A 1 1 ? -3.784 0.997  -1.057 1.00 0.00 ? 1 CYS A N    8  
ATOM 513 C CA   . CYS A 1 1 ? -2.868 0.465  -2.092 1.00 0.00 ? 1 CYS A CA   8  
ATOM 514 C C    . CYS A 1 1 ? -2.377 -1.009 -1.791 1.00 0.00 ? 1 CYS A C    8  
ATOM 515 O O    . CYS A 1 1 ? -2.785 -1.579 -0.775 1.00 0.00 ? 1 CYS A O    8  
ATOM 516 C CB   . CYS A 1 1 ? -1.707 1.488  -2.193 1.00 0.00 ? 1 CYS A CB   8  
ATOM 517 S SG   . CYS A 1 1 ? -0.504 1.205  -0.879 1.00 0.00 ? 1 CYS A SG   8  
ATOM 518 H H1   . CYS A 1 1 ? -3.287 1.004  -0.122 1.00 0.00 ? 1 CYS A H1   8  
ATOM 519 H H2   . CYS A 1 1 ? -3.967 2.009  -1.066 1.00 0.00 ? 1 CYS A H2   8  
ATOM 520 H H3   . CYS A 1 1 ? -4.622 0.459  -0.837 1.00 0.00 ? 1 CYS A H3   8  
ATOM 521 H HA   . CYS A 1 1 ? -3.411 0.441  -3.054 1.00 0.00 ? 1 CYS A HA   8  
ATOM 522 H HB2  . CYS A 1 1 ? -1.169 1.391  -3.152 1.00 0.00 ? 1 CYS A HB2  8  
ATOM 523 H HB3  . CYS A 1 1 ? -2.020 2.544  -2.146 1.00 0.00 ? 1 CYS A HB3  8  
ATOM 524 N N    . PRO A 1 2 ? -1.477 -1.663 -2.582 1.00 0.00 ? 2 PRO A N    8  
ATOM 525 C CA   . PRO A 1 2 ? -0.663 -2.810 -2.072 1.00 0.00 ? 2 PRO A CA   8  
ATOM 526 C C    . PRO A 1 2 ? 0.473  -2.515 -1.023 1.00 0.00 ? 2 PRO A C    8  
ATOM 527 O O    . PRO A 1 2 ? 0.733  -3.331 -0.141 1.00 0.00 ? 2 PRO A O    8  
ATOM 528 C CB   . PRO A 1 2 ? -0.093 -3.380 -3.386 1.00 0.00 ? 2 PRO A CB   8  
ATOM 529 C CG   . PRO A 1 2 ? -0.777 -2.636 -4.535 1.00 0.00 ? 2 PRO A CG   8  
ATOM 530 C CD   . PRO A 1 2 ? -1.140 -1.274 -3.963 1.00 0.00 ? 2 PRO A CD   8  
ATOM 531 H HA   . PRO A 1 2 ? -1.338 -3.562 -1.616 1.00 0.00 ? 2 PRO A HA   8  
ATOM 532 H HB2  . PRO A 1 2 ? 1.006  -3.258 -3.462 1.00 0.00 ? 2 PRO A HB2  8  
ATOM 533 H HB3  . PRO A 1 2 ? -0.283 -4.463 -3.429 1.00 0.00 ? 2 PRO A HB3  8  
ATOM 534 H HG2  . PRO A 1 2 ? -0.140 -2.568 -5.437 1.00 0.00 ? 2 PRO A HG2  8  
ATOM 535 H HG3  . PRO A 1 2 ? -1.706 -3.165 -4.818 1.00 0.00 ? 2 PRO A HG3  8  
ATOM 536 H HD2  . PRO A 1 2 ? -0.266 -0.593 -3.987 1.00 0.00 ? 2 PRO A HD2  8  
ATOM 537 H HD3  . PRO A 1 2 ? -1.971 -0.800 -4.524 1.00 0.00 ? 2 PRO A HD3  8  
ATOM 538 N N    . PHE A 1 3 ? 1.192  -1.397 -1.198 1.00 0.00 ? 3 PHE A N    8  
ATOM 539 C CA   . PHE A 1 3 ? 2.539  -1.162 -0.607 1.00 0.00 ? 3 PHE A CA   8  
ATOM 540 C C    . PHE A 1 3 ? 2.582  -0.876 0.942  1.00 0.00 ? 3 PHE A C    8  
ATOM 541 O O    . PHE A 1 3 ? 2.907  -1.774 1.721  1.00 0.00 ? 3 PHE A O    8  
ATOM 542 C CB   . PHE A 1 3 ? 3.178  -0.057 -1.527 1.00 0.00 ? 3 PHE A CB   8  
ATOM 543 C CG   . PHE A 1 3 ? 3.182  -0.273 -3.069 1.00 0.00 ? 3 PHE A CG   8  
ATOM 544 C CD1  . PHE A 1 3 ? 3.577  -1.500 -3.608 1.00 0.00 ? 3 PHE A CD1  8  
ATOM 545 C CD2  . PHE A 1 3 ? 2.628  0.694  -3.914 1.00 0.00 ? 3 PHE A CD2  8  
ATOM 546 C CE1  . PHE A 1 3 ? 3.416  -1.766 -4.967 1.00 0.00 ? 3 PHE A CE1  8  
ATOM 547 C CE2  . PHE A 1 3 ? 2.461  0.432  -5.272 1.00 0.00 ? 3 PHE A CE2  8  
ATOM 548 C CZ   . PHE A 1 3 ? 2.852  -0.799 -5.794 1.00 0.00 ? 3 PHE A CZ   8  
ATOM 549 H H    . PHE A 1 3 ? 1.058  -1.057 -2.158 1.00 0.00 ? 3 PHE A H    8  
ATOM 550 H HA   . PHE A 1 3 ? 3.139  -2.084 -0.732 1.00 0.00 ? 3 PHE A HA   8  
ATOM 551 H HB2  . PHE A 1 3 ? 2.654  0.898  -1.313 1.00 0.00 ? 3 PHE A HB2  8  
ATOM 552 H HB3  . PHE A 1 3 ? 4.221  0.117  -1.201 1.00 0.00 ? 3 PHE A HB3  8  
ATOM 553 H HD1  . PHE A 1 3 ? 3.919  -2.262 -2.930 1.00 0.00 ? 3 PHE A HD1  8  
ATOM 554 H HD2  . PHE A 1 3 ? 2.295  1.643  -3.516 1.00 0.00 ? 3 PHE A HD2  8  
ATOM 555 H HE1  . PHE A 1 3 ? 3.714  -2.722 -5.381 1.00 0.00 ? 3 PHE A HE1  8  
ATOM 556 H HE2  . PHE A 1 3 ? 2.003  1.181  -5.901 1.00 0.00 ? 3 PHE A HE2  8  
ATOM 557 H HZ   . PHE A 1 3 ? 2.714  -1.016 -6.841 1.00 0.00 ? 3 PHE A HZ   8  
ATOM 558 N N    . VAL A 1 4 ? 2.280  0.354  1.391  1.00 0.00 ? 4 VAL A N    8  
ATOM 559 C CA   . VAL A 1 4 ? 2.059  0.692  2.848  1.00 0.00 ? 4 VAL A CA   8  
ATOM 560 C C    . VAL A 1 4 ? 0.986  1.847  2.979  1.00 0.00 ? 4 VAL A C    8  
ATOM 561 O O    . VAL A 1 4 ? 1.206  2.883  3.612  1.00 0.00 ? 4 VAL A O    8  
ATOM 562 C CB   . VAL A 1 4 ? 3.443  0.950  3.565  1.00 0.00 ? 4 VAL A CB   8  
ATOM 563 C CG1  . VAL A 1 4 ? 4.163  2.252  3.140  1.00 0.00 ? 4 VAL A CG1  8  
ATOM 564 C CG2  . VAL A 1 4 ? 3.360  0.914  5.114  1.00 0.00 ? 4 VAL A CG2  8  
ATOM 565 H H    . VAL A 1 4 ? 1.921  0.969  0.660  1.00 0.00 ? 4 VAL A H    8  
ATOM 566 H HA   . VAL A 1 4 ? 1.596  -0.185 3.344  1.00 0.00 ? 4 VAL A HA   8  
ATOM 567 H HB   . VAL A 1 4 ? 4.093  0.105  3.256  1.00 0.00 ? 4 VAL A HB   8  
ATOM 568 H HG11 . VAL A 1 4 ? 4.043  2.410  2.049  1.00 0.00 ? 4 VAL A HG11 8  
ATOM 569 H HG12 . VAL A 1 4 ? 3.738  3.148  3.630  1.00 0.00 ? 4 VAL A HG12 8  
ATOM 570 H HG13 . VAL A 1 4 ? 5.243  2.228  3.372  1.00 0.00 ? 4 VAL A HG13 8  
ATOM 571 H HG21 . VAL A 1 4 ? 2.699  1.713  5.501  1.00 0.00 ? 4 VAL A HG21 8  
ATOM 572 H HG22 . VAL A 1 4 ? 2.938  -0.045 5.468  1.00 0.00 ? 4 VAL A HG22 8  
ATOM 573 H HG23 . VAL A 1 4 ? 4.345  1.038  5.628  1.00 0.00 ? 4 VAL A HG23 8  
ATOM 574 N N    . CYS A 1 5 ? -0.164 1.699  2.298  1.00 0.00 ? 5 CYS A N    8  
ATOM 575 C CA   . CYS A 1 5 ? -1.067 2.814  1.924  1.00 0.00 ? 5 CYS A CA   8  
ATOM 576 C C    . CYS A 1 5 ? -2.406 2.268  1.326  1.00 0.00 ? 5 CYS A C    8  
ATOM 577 O O    . CYS A 1 5 ? -2.687 1.045  1.364  1.00 0.00 ? 5 CYS A O    8  
ATOM 578 C CB   . CYS A 1 5 ? -0.336 3.759  0.927  1.00 0.00 ? 5 CYS A CB   8  
ATOM 579 S SG   . CYS A 1 5 ? 0.478  2.887  -0.429 1.00 0.00 ? 5 CYS A SG   8  
ATOM 580 O OXT  . CYS A 1 5 ? -3.176 3.049  0.716  1.00 0.00 ? 5 CYS A OXT  8  
ATOM 581 H H    . CYS A 1 5 ? -0.402 0.749  2.000  1.00 0.00 ? 5 CYS A H    8  
ATOM 582 H HA   . CYS A 1 5 ? -1.327 3.387  2.832  1.00 0.00 ? 5 CYS A HA   8  
ATOM 583 H HB2  . CYS A 1 5 ? -1.047 4.480  0.495  1.00 0.00 ? 5 CYS A HB2  8  
ATOM 584 H HB3  . CYS A 1 5 ? 0.420  4.361  1.463  1.00 0.00 ? 5 CYS A HB3  8  
ATOM 585 N N    . CYS A 1 1 ? -3.396 0.818  -0.490 1.00 0.00 ? 1 CYS A N    9  
ATOM 586 C CA   . CYS A 1 1 ? -2.522 0.405  -1.609 1.00 0.00 ? 1 CYS A CA   9  
ATOM 587 C C    . CYS A 1 1 ? -2.092 -1.113 -1.524 1.00 0.00 ? 1 CYS A C    9  
ATOM 588 O O    . CYS A 1 1 ? -2.266 -1.717 -0.461 1.00 0.00 ? 1 CYS A O    9  
ATOM 589 C CB   . CYS A 1 1 ? -1.280 1.327  -1.588 1.00 0.00 ? 1 CYS A CB   9  
ATOM 590 S SG   . CYS A 1 1 ? -1.672 3.093  -1.521 1.00 0.00 ? 1 CYS A SG   9  
ATOM 591 H H1   . CYS A 1 1 ? -4.337 0.437  -0.442 1.00 0.00 ? 1 CYS A H1   9  
ATOM 592 H H2   . CYS A 1 1 ? -2.988 0.603  0.441  1.00 0.00 ? 1 CYS A H2   9  
ATOM 593 H H3   . CYS A 1 1 ? -3.443 1.845  -0.303 1.00 0.00 ? 1 CYS A H3   9  
ATOM 594 H HA   . CYS A 1 1 ? -3.073 0.563  -2.554 1.00 0.00 ? 1 CYS A HA   9  
ATOM 595 H HB2  . CYS A 1 1 ? -0.608 1.080  -0.744 1.00 0.00 ? 1 CYS A HB2  9  
ATOM 596 H HB3  . CYS A 1 1 ? -0.678 1.166  -2.501 1.00 0.00 ? 1 CYS A HB3  9  
ATOM 597 N N    . PRO A 1 2 ? -1.452 -1.758 -2.544 1.00 0.00 ? 2 PRO A N    9  
ATOM 598 C CA   . PRO A 1 2 ? -0.576 -2.948 -2.291 1.00 0.00 ? 2 PRO A CA   9  
ATOM 599 C C    . PRO A 1 2 ? 0.657  -2.756 -1.326 1.00 0.00 ? 2 PRO A C    9  
ATOM 600 O O    . PRO A 1 2 ? 1.066  -3.691 -0.641 1.00 0.00 ? 2 PRO A O    9  
ATOM 601 C CB   . PRO A 1 2 ? -0.131 -3.308 -3.724 1.00 0.00 ? 2 PRO A CB   9  
ATOM 602 C CG   . PRO A 1 2 ? -1.097 -2.573 -4.655 1.00 0.00 ? 2 PRO A CG   9  
ATOM 603 C CD   . PRO A 1 2 ? -1.361 -1.261 -3.929 1.00 0.00 ? 2 PRO A CD   9  
ATOM 604 H HA   . PRO A 1 2 ? -1.195 -3.771 -1.880 1.00 0.00 ? 2 PRO A HA   9  
ATOM 605 H HB2  . PRO A 1 2 ? 0.890  -2.920 -3.900 1.00 0.00 ? 2 PRO A HB2  9  
ATOM 606 H HB3  . PRO A 1 2 ? -0.099 -4.401 -3.900 1.00 0.00 ? 2 PRO A HB3  9  
ATOM 607 H HG2  . PRO A 1 2 ? -0.686 -2.435 -5.672 1.00 0.00 ? 2 PRO A HG2  9  
ATOM 608 H HG3  . PRO A 1 2 ? -2.055 -3.121 -4.733 1.00 0.00 ? 2 PRO A HG3  9  
ATOM 609 H HD2  . PRO A 1 2 ? -0.507 -0.562 -4.054 1.00 0.00 ? 2 PRO A HD2  9  
ATOM 610 H HD3  . PRO A 1 2 ? -2.277 -0.761 -4.291 1.00 0.00 ? 2 PRO A HD3  9  
ATOM 611 N N    . PHE A 1 3 ? 1.261  -1.554 -1.340 1.00 0.00 ? 3 PHE A N    9  
ATOM 612 C CA   . PHE A 1 3 ? 2.580  -1.267 -0.713 1.00 0.00 ? 3 PHE A CA   9  
ATOM 613 C C    . PHE A 1 3 ? 2.440  -0.985 0.826  1.00 0.00 ? 3 PHE A C    9  
ATOM 614 O O    . PHE A 1 3 ? 2.501  -1.924 1.621  1.00 0.00 ? 3 PHE A O    9  
ATOM 615 C CB   . PHE A 1 3 ? 3.269  -0.144 -1.582 1.00 0.00 ? 3 PHE A CB   9  
ATOM 616 C CG   . PHE A 1 3 ? 3.143  -0.205 -3.128 1.00 0.00 ? 3 PHE A CG   9  
ATOM 617 C CD1  . PHE A 1 3 ? 3.441  -1.396 -3.792 1.00 0.00 ? 3 PHE A CD1  9  
ATOM 618 C CD2  . PHE A 1 3 ? 2.520  0.832  -3.835 1.00 0.00 ? 3 PHE A CD2  9  
ATOM 619 C CE1  . PHE A 1 3 ? 3.100  -1.565 -5.130 1.00 0.00 ? 3 PHE A CE1  9  
ATOM 620 C CE2  . PHE A 1 3 ? 2.185  0.668  -5.177 1.00 0.00 ? 3 PHE A CE2  9  
ATOM 621 C CZ   . PHE A 1 3 ? 2.468  -0.535 -5.819 1.00 0.00 ? 3 PHE A CZ   9  
ATOM 622 H H    . PHE A 1 3 ? 1.064  -1.083 -2.230 1.00 0.00 ? 3 PHE A H    9  
ATOM 623 H HA   . PHE A 1 3 ? 3.217  -2.173 -0.789 1.00 0.00 ? 3 PHE A HA   9  
ATOM 624 H HB2  . PHE A 1 3 ? 2.879  0.836  -1.253 1.00 0.00 ? 3 PHE A HB2  9  
ATOM 625 H HB3  . PHE A 1 3 ? 4.343  -0.104 -1.318 1.00 0.00 ? 3 PHE A HB3  9  
ATOM 626 H HD1  . PHE A 1 3 ? 3.852  -2.211 -3.217 1.00 0.00 ? 3 PHE A HD1  9  
ATOM 627 H HD2  . PHE A 1 3 ? 2.254  1.752  -3.333 1.00 0.00 ? 3 PHE A HD2  9  
ATOM 628 H HE1  . PHE A 1 3 ? 3.313  -2.500 -5.633 1.00 0.00 ? 3 PHE A HE1  9  
ATOM 629 H HE2  . PHE A 1 3 ? 1.679  1.464  -5.705 1.00 0.00 ? 3 PHE A HE2  9  
ATOM 630 H HZ   . PHE A 1 3 ? 2.210  -0.675 -6.855 1.00 0.00 ? 3 PHE A HZ   9  
ATOM 631 N N    . VAL A 1 4 ? 2.210  0.273  1.248  1.00 0.00 ? 4 VAL A N    9  
ATOM 632 C CA   . VAL A 1 4 ? 1.666  0.605  2.604  1.00 0.00 ? 4 VAL A CA   9  
ATOM 633 C C    . VAL A 1 4 ? 0.957  2.010  2.551  1.00 0.00 ? 4 VAL A C    9  
ATOM 634 O O    . VAL A 1 4 ? 1.439  3.019  3.074  1.00 0.00 ? 4 VAL A O    9  
ATOM 635 C CB   . VAL A 1 4 ? 2.716  0.415  3.758  1.00 0.00 ? 4 VAL A CB   9  
ATOM 636 C CG1  . VAL A 1 4 ? 3.912  1.390  3.739  1.00 0.00 ? 4 VAL A CG1  9  
ATOM 637 C CG2  . VAL A 1 4 ? 2.052  0.460  5.157  1.00 0.00 ? 4 VAL A CG2  9  
ATOM 638 H H    . VAL A 1 4 ? 2.141  0.954  0.488  1.00 0.00 ? 4 VAL A H    9  
ATOM 639 H HA   . VAL A 1 4 ? 0.862  -0.128 2.824  1.00 0.00 ? 4 VAL A HA   9  
ATOM 640 H HB   . VAL A 1 4 ? 3.148  -0.599 3.634  1.00 0.00 ? 4 VAL A HB   9  
ATOM 641 H HG11 . VAL A 1 4 ? 4.412  1.412  2.752  1.00 0.00 ? 4 VAL A HG11 9  
ATOM 642 H HG12 . VAL A 1 4 ? 3.619  2.429  3.976  1.00 0.00 ? 4 VAL A HG12 9  
ATOM 643 H HG13 . VAL A 1 4 ? 4.680  1.101  4.478  1.00 0.00 ? 4 VAL A HG13 9  
ATOM 644 H HG21 . VAL A 1 4 ? 1.566  1.436  5.349  1.00 0.00 ? 4 VAL A HG21 9  
ATOM 645 H HG22 . VAL A 1 4 ? 1.266  -0.313 5.258  1.00 0.00 ? 4 VAL A HG22 9  
ATOM 646 H HG23 . VAL A 1 4 ? 2.777  0.294  5.985  1.00 0.00 ? 4 VAL A HG23 9  
ATOM 647 N N    . CYS A 1 5 ? -0.210 2.066  1.895  1.00 0.00 ? 5 CYS A N    9  
ATOM 648 C CA   . CYS A 1 5 ? -1.149 3.206  2.006  1.00 0.00 ? 5 CYS A CA   9  
ATOM 649 C C    . CYS A 1 5 ? -2.570 2.684  1.637  1.00 0.00 ? 5 CYS A C    9  
ATOM 650 O O    . CYS A 1 5 ? -2.972 1.598  2.120  1.00 0.00 ? 5 CYS A O    9  
ATOM 651 C CB   . CYS A 1 5 ? -0.655 4.433  1.200  1.00 0.00 ? 5 CYS A CB   9  
ATOM 652 S SG   . CYS A 1 5 ? -0.225 4.070  -0.525 1.00 0.00 ? 5 CYS A SG   9  
ATOM 653 O OXT  . CYS A 1 5 ? -3.264 3.259  0.763  1.00 0.00 ? 5 CYS A OXT  9  
ATOM 654 H H    . CYS A 1 5 ? -0.630 1.142  1.784  1.00 0.00 ? 5 CYS A H    9  
ATOM 655 H HA   . CYS A 1 5 ? -1.200 3.501  3.071  1.00 0.00 ? 5 CYS A HA   9  
ATOM 656 H HB2  . CYS A 1 5 ? -1.425 5.226  1.218  1.00 0.00 ? 5 CYS A HB2  9  
ATOM 657 H HB3  . CYS A 1 5 ? 0.236  4.862  1.695  1.00 0.00 ? 5 CYS A HB3  9  
ATOM 658 N N    . CYS A 1 1 ? -3.704 0.811  -0.719 1.00 0.00 ? 1 CYS A N    10 
ATOM 659 C CA   . CYS A 1 1 ? -2.690 0.471  -1.739 1.00 0.00 ? 1 CYS A CA   10 
ATOM 660 C C    . CYS A 1 1 ? -2.169 -1.016 -1.615 1.00 0.00 ? 1 CYS A C    10 
ATOM 661 O O    . CYS A 1 1 ? -2.465 -1.678 -0.616 1.00 0.00 ? 1 CYS A O    10 
ATOM 662 C CB   . CYS A 1 1 ? -1.514 1.483  -1.646 1.00 0.00 ? 1 CYS A CB   10 
ATOM 663 S SG   . CYS A 1 1 ? -2.028 3.210  -1.430 1.00 0.00 ? 1 CYS A SG   10 
ATOM 664 H H1   . CYS A 1 1 ? -4.105 1.759  -0.736 1.00 0.00 ? 1 CYS A H1   10 
ATOM 665 H H2   . CYS A 1 1 ? -4.403 0.102  -0.495 1.00 0.00 ? 1 CYS A H2   10 
ATOM 666 H H3   . CYS A 1 1 ? -3.213 0.918  0.215  1.00 0.00 ? 1 CYS A H3   10 
ATOM 667 H HA   . CYS A 1 1 ? -3.174 0.577  -2.728 1.00 0.00 ? 1 CYS A HA   10 
ATOM 668 H HB2  . CYS A 1 1 ? -0.806 1.209  -0.832 1.00 0.00 ? 1 CYS A HB2  10 
ATOM 669 H HB3  . CYS A 1 1 ? -0.913 1.440  -2.572 1.00 0.00 ? 1 CYS A HB3  10 
ATOM 670 N N    . PRO A 1 2 ? -1.361 -1.587 -2.556 1.00 0.00 ? 2 PRO A N    10 
ATOM 671 C CA   . PRO A 1 2 ? -0.573 -2.832 -2.288 1.00 0.00 ? 2 PRO A CA   10 
ATOM 672 C C    . PRO A 1 2 ? 0.600  -2.734 -1.241 1.00 0.00 ? 2 PRO A C    10 
ATOM 673 O O    . PRO A 1 2 ? 0.875  -3.699 -0.528 1.00 0.00 ? 2 PRO A O    10 
ATOM 674 C CB   . PRO A 1 2 ? -0.068 -3.181 -3.707 1.00 0.00 ? 2 PRO A CB   10 
ATOM 675 C CG   . PRO A 1 2 ? -0.908 -2.348 -4.680 1.00 0.00 ? 2 PRO A CG   10 
ATOM 676 C CD   . PRO A 1 2 ? -1.154 -1.053 -3.914 1.00 0.00 ? 2 PRO A CD   10 
ATOM 677 H HA   . PRO A 1 2 ? -1.260 -3.629 -1.941 1.00 0.00 ? 2 PRO A HA   10 
ATOM 678 H HB2  . PRO A 1 2 ? 0.995  -2.884 -3.808 1.00 0.00 ? 2 PRO A HB2  10 
ATOM 679 H HB3  . PRO A 1 2 ? -0.114 -4.268 -3.916 1.00 0.00 ? 2 PRO A HB3  10 
ATOM 680 H HG2  . PRO A 1 2 ? -0.398 -2.181 -5.648 1.00 0.00 ? 2 PRO A HG2  10 
ATOM 681 H HG3  . PRO A 1 2 ? -1.873 -2.852 -4.892 1.00 0.00 ? 2 PRO A HG3  10 
ATOM 682 H HD2  . PRO A 1 2 ? -0.267 -0.392 -3.948 1.00 0.00 ? 2 PRO A HD2  10 
ATOM 683 H HD3  . PRO A 1 2 ? -2.011 -0.483 -4.314 1.00 0.00 ? 2 PRO A HD3  10 
ATOM 684 N N    . PHE A 1 3 ? 1.323  -1.602 -1.217 1.00 0.00 ? 3 PHE A N    10 
ATOM 685 C CA   . PHE A 1 3 ? 2.676  -1.496 -0.586 1.00 0.00 ? 3 PHE A CA   10 
ATOM 686 C C    . PHE A 1 3 ? 2.700  -0.929 0.877  1.00 0.00 ? 3 PHE A C    10 
ATOM 687 O O    . PHE A 1 3 ? 3.457  -1.429 1.711  1.00 0.00 ? 3 PHE A O    10 
ATOM 688 C CB   . PHE A 1 3 ? 3.605  -0.656 -1.530 1.00 0.00 ? 3 PHE A CB   10 
ATOM 689 C CG   . PHE A 1 3 ? 3.521  -0.927 -3.052 1.00 0.00 ? 3 PHE A CG   10 
ATOM 690 C CD1  . PHE A 1 3 ? 4.025  -2.100 -3.620 1.00 0.00 ? 3 PHE A CD1  10 
ATOM 691 C CD2  . PHE A 1 3 ? 2.728  -0.075 -3.826 1.00 0.00 ? 3 PHE A CD2  10 
ATOM 692 C CE1  . PHE A 1 3 ? 3.721  -2.426 -4.943 1.00 0.00 ? 3 PHE A CE1  10 
ATOM 693 C CE2  . PHE A 1 3 ? 2.424  -0.400 -5.144 1.00 0.00 ? 3 PHE A CE2  10 
ATOM 694 C CZ   . PHE A 1 3 ? 2.905  -1.583 -5.695 1.00 0.00 ? 3 PHE A CZ   10 
ATOM 695 H H    . PHE A 1 3 ? 1.148  -1.046 -2.061 1.00 0.00 ? 3 PHE A H    10 
ATOM 696 H HA   . PHE A 1 3 ? 3.124  -2.509 -0.526 1.00 0.00 ? 3 PHE A HA   10 
ATOM 697 H HB2  . PHE A 1 3 ? 3.424  0.421  -1.343 1.00 0.00 ? 3 PHE A HB2  10 
ATOM 698 H HB3  . PHE A 1 3 ? 4.651  -0.794 -1.202 1.00 0.00 ? 3 PHE A HB3  10 
ATOM 699 H HD1  . PHE A 1 3 ? 4.596  -2.788 -3.015 1.00 0.00 ? 3 PHE A HD1  10 
ATOM 700 H HD2  . PHE A 1 3 ? 2.283  0.798  -3.375 1.00 0.00 ? 3 PHE A HD2  10 
ATOM 701 H HE1  . PHE A 1 3 ? 4.083  -3.351 -5.376 1.00 0.00 ? 3 PHE A HE1  10 
ATOM 702 H HE2  . PHE A 1 3 ? 1.764  0.248  -5.704 1.00 0.00 ? 3 PHE A HE2  10 
ATOM 703 H HZ   . PHE A 1 3 ? 2.620  -1.864 -6.695 1.00 0.00 ? 3 PHE A HZ   10 
ATOM 704 N N    . VAL A 1 4 ? 1.939  0.145  1.165  1.00 0.00 ? 4 VAL A N    10 
ATOM 705 C CA   . VAL A 1 4 ? 1.848  0.759  2.533  1.00 0.00 ? 4 VAL A CA   10 
ATOM 706 C C    . VAL A 1 4 ? 0.456  1.438  2.801  1.00 0.00 ? 4 VAL A C    10 
ATOM 707 O O    . VAL A 1 4 ? -0.173 1.145  3.821  1.00 0.00 ? 4 VAL A O    10 
ATOM 708 C CB   . VAL A 1 4 ? 3.086  1.685  2.832  1.00 0.00 ? 4 VAL A CB   10 
ATOM 709 C CG1  . VAL A 1 4 ? 3.126  3.045  2.090  1.00 0.00 ? 4 VAL A CG1  10 
ATOM 710 C CG2  . VAL A 1 4 ? 3.226  1.966  4.344  1.00 0.00 ? 4 VAL A CG2  10 
ATOM 711 H H    . VAL A 1 4 ? 1.195  0.285  0.477  1.00 0.00 ? 4 VAL A H    10 
ATOM 712 H HA   . VAL A 1 4 ? 1.888  -0.074 3.265  1.00 0.00 ? 4 VAL A HA   10 
ATOM 713 H HB   . VAL A 1 4 ? 3.996  1.121  2.531  1.00 0.00 ? 4 VAL A HB   10 
ATOM 714 H HG11 . VAL A 1 4 ? 2.876  2.937  1.021  1.00 0.00 ? 4 VAL A HG11 10 
ATOM 715 H HG12 . VAL A 1 4 ? 2.408  3.773  2.513  1.00 0.00 ? 4 VAL A HG12 10 
ATOM 716 H HG13 . VAL A 1 4 ? 4.128  3.511  2.148  1.00 0.00 ? 4 VAL A HG13 10 
ATOM 717 H HG21 . VAL A 1 4 ? 2.305  2.399  4.782  1.00 0.00 ? 4 VAL A HG21 10 
ATOM 718 H HG22 . VAL A 1 4 ? 4.050  2.671  4.561  1.00 0.00 ? 4 VAL A HG22 10 
ATOM 719 H HG23 . VAL A 1 4 ? 3.466  1.042  4.910  1.00 0.00 ? 4 VAL A HG23 10 
ATOM 720 N N    . CYS A 1 5 ? 0.014  2.361  1.924  1.00 0.00 ? 5 CYS A N    10 
ATOM 721 C CA   . CYS A 1 5 ? -1.260 3.098  2.080  1.00 0.00 ? 5 CYS A CA   10 
ATOM 722 C C    . CYS A 1 5 ? -2.522 2.338  1.572  1.00 0.00 ? 5 CYS A C    10 
ATOM 723 O O    . CYS A 1 5 ? -3.467 2.963  1.027  1.00 0.00 ? 5 CYS A O    10 
ATOM 724 C CB   . CYS A 1 5 ? -1.014 4.440  1.352  1.00 0.00 ? 5 CYS A CB   10 
ATOM 725 S SG   . CYS A 1 5 ? -0.627 4.244  -0.413 1.00 0.00 ? 5 CYS A SG   10 
ATOM 726 O OXT  . CYS A 1 5 ? -2.579 1.089  1.645  1.00 0.00 ? 5 CYS A OXT  10 
ATOM 727 H H    . CYS A 1 5 ? 0.746  2.696  1.299  1.00 0.00 ? 5 CYS A H    10 
ATOM 728 H HA   . CYS A 1 5 ? -1.440 3.307  3.152  1.00 0.00 ? 5 CYS A HA   10 
ATOM 729 H HB2  . CYS A 1 5 ? -1.918 5.071  1.438  1.00 0.00 ? 5 CYS A HB2  10 
ATOM 730 H HB3  . CYS A 1 5 ? -0.207 5.014  1.842  1.00 0.00 ? 5 CYS A HB3  10 
ATOM 731 N N    . CYS A 1 1 ? -3.717 0.734  -0.747 1.00 0.00 ? 1 CYS A N    11 
ATOM 732 C CA   . CYS A 1 1 ? -2.676 0.447  -1.754 1.00 0.00 ? 1 CYS A CA   11 
ATOM 733 C C    . CYS A 1 1 ? -2.222 -1.065 -1.699 1.00 0.00 ? 1 CYS A C    11 
ATOM 734 O O    . CYS A 1 1 ? -2.575 -1.772 -0.749 1.00 0.00 ? 1 CYS A O    11 
ATOM 735 C CB   . CYS A 1 1 ? -1.480 1.392  -1.466 1.00 0.00 ? 1 CYS A CB   11 
ATOM 736 S SG   . CYS A 1 1 ? -1.937 3.147  -1.445 1.00 0.00 ? 1 CYS A SG   11 
ATOM 737 H H1   . CYS A 1 1 ? -3.461 0.195  0.099  1.00 0.00 ? 1 CYS A H1   11 
ATOM 738 H H2   . CYS A 1 1 ? -3.613 1.659  -0.261 1.00 0.00 ? 1 CYS A H2   11 
ATOM 739 H H3   . CYS A 1 1 ? -4.696 0.535  -0.942 1.00 0.00 ? 1 CYS A H3   11 
ATOM 740 H HA   . CYS A 1 1 ? -3.086 0.670  -2.756 1.00 0.00 ? 1 CYS A HA   11 
ATOM 741 H HB2  . CYS A 1 1 ? -1.034 1.135  -0.490 1.00 0.00 ? 1 CYS A HB2  11 
ATOM 742 H HB3  . CYS A 1 1 ? -0.649 1.259  -2.184 1.00 0.00 ? 1 CYS A HB3  11 
ATOM 743 N N    . PRO A 1 2 ? -1.393 -1.603 -2.636 1.00 0.00 ? 2 PRO A N    11 
ATOM 744 C CA   . PRO A 1 2 ? -0.585 -2.834 -2.372 1.00 0.00 ? 2 PRO A CA   11 
ATOM 745 C C    . PRO A 1 2 ? 0.530  -2.746 -1.258 1.00 0.00 ? 2 PRO A C    11 
ATOM 746 O O    . PRO A 1 2 ? 0.777  -3.719 -0.550 1.00 0.00 ? 2 PRO A O    11 
ATOM 747 C CB   . PRO A 1 2 ? 0.002  -3.120 -3.773 1.00 0.00 ? 2 PRO A CB   11 
ATOM 748 C CG   . PRO A 1 2 ? -0.724 -2.187 -4.748 1.00 0.00 ? 2 PRO A CG   11 
ATOM 749 C CD   . PRO A 1 2 ? -1.080 -0.964 -3.920 1.00 0.00 ? 2 PRO A CD   11 
ATOM 750 H HA   . PRO A 1 2 ? -1.267 -3.662 -2.099 1.00 0.00 ? 2 PRO A HA   11 
ATOM 751 H HB2  . PRO A 1 2 ? 1.084  -2.882 -3.783 1.00 0.00 ? 2 PRO A HB2  11 
ATOM 752 H HB3  . PRO A 1 2 ? -0.086 -4.185 -4.056 1.00 0.00 ? 2 PRO A HB3  11 
ATOM 753 H HG2  . PRO A 1 2 ? -0.097 -1.895 -5.598 1.00 0.00 ? 2 PRO A HG2  11 
ATOM 754 H HG3  . PRO A 1 2 ? -1.634 -2.668 -5.151 1.00 0.00 ? 2 PRO A HG3  11 
ATOM 755 H HD2  . PRO A 1 2 ? -0.212 -0.284 -3.825 1.00 0.00 ? 2 PRO A HD2  11 
ATOM 756 H HD3  . PRO A 1 2 ? -1.914 -0.383 -4.349 1.00 0.00 ? 2 PRO A HD3  11 
ATOM 757 N N    . PHE A 1 3 ? 1.244  -1.607 -1.177 1.00 0.00 ? 3 PHE A N    11 
ATOM 758 C CA   . PHE A 1 3 ? 2.592  -1.524 -0.530 1.00 0.00 ? 3 PHE A CA   11 
ATOM 759 C C    . PHE A 1 3 ? 2.635  -0.943 0.930  1.00 0.00 ? 3 PHE A C    11 
ATOM 760 O O    . PHE A 1 3 ? 3.394  -1.449 1.758  1.00 0.00 ? 3 PHE A O    11 
ATOM 761 C CB   . PHE A 1 3 ? 3.524  -0.693 -1.476 1.00 0.00 ? 3 PHE A CB   11 
ATOM 762 C CG   . PHE A 1 3 ? 3.529  -1.051 -2.979 1.00 0.00 ? 3 PHE A CG   11 
ATOM 763 C CD1  . PHE A 1 3 ? 4.129  -2.216 -3.470 1.00 0.00 ? 3 PHE A CD1  11 
ATOM 764 C CD2  . PHE A 1 3 ? 2.745  -0.272 -3.834 1.00 0.00 ? 3 PHE A CD2  11 
ATOM 765 C CE1  . PHE A 1 3 ? 3.911  -2.610 -4.791 1.00 0.00 ? 3 PHE A CE1  11 
ATOM 766 C CE2  . PHE A 1 3 ? 2.546  -0.653 -5.155 1.00 0.00 ? 3 PHE A CE2  11 
ATOM 767 C CZ   . PHE A 1 3 ? 3.110  -1.834 -5.627 1.00 0.00 ? 3 PHE A CZ   11 
ATOM 768 H H    . PHE A 1 3 ? 1.105  -1.060 -2.033 1.00 0.00 ? 3 PHE A H    11 
ATOM 769 H HA   . PHE A 1 3 ? 3.029  -2.539 -0.465 1.00 0.00 ? 3 PHE A HA   11 
ATOM 770 H HB2  . PHE A 1 3 ? 3.262  0.379  -1.361 1.00 0.00 ? 3 PHE A HB2  11 
ATOM 771 H HB3  . PHE A 1 3 ? 4.561  -0.750 -1.095 1.00 0.00 ? 3 PHE A HB3  11 
ATOM 772 H HD1  . PHE A 1 3 ? 4.739  -2.839 -2.827 1.00 0.00 ? 3 PHE A HD1  11 
ATOM 773 H HD2  . PHE A 1 3 ? 2.217  0.587  -3.448 1.00 0.00 ? 3 PHE A HD2  11 
ATOM 774 H HE1  . PHE A 1 3 ? 4.353  -3.525 -5.169 1.00 0.00 ? 3 PHE A HE1  11 
ATOM 775 H HE2  . PHE A 1 3 ? 1.891  -0.055 -5.772 1.00 0.00 ? 3 PHE A HE2  11 
ATOM 776 H HZ   . PHE A 1 3 ? 2.911  -2.159 -6.634 1.00 0.00 ? 3 PHE A HZ   11 
ATOM 777 N N    . VAL A 1 4 ? 1.914  0.159  1.220  1.00 0.00 ? 4 VAL A N    11 
ATOM 778 C CA   . VAL A 1 4 ? 1.941  0.849  2.560  1.00 0.00 ? 4 VAL A CA   11 
ATOM 779 C C    . VAL A 1 4 ? 0.595  1.597  2.897  1.00 0.00 ? 4 VAL A C    11 
ATOM 780 O O    . VAL A 1 4 ? 0.102  1.484  4.022  1.00 0.00 ? 4 VAL A O    11 
ATOM 781 C CB   . VAL A 1 4 ? 3.240  1.733  2.723  1.00 0.00 ? 4 VAL A CB   11 
ATOM 782 C CG1  . VAL A 1 4 ? 3.215  3.118  2.032  1.00 0.00 ? 4 VAL A CG1  11 
ATOM 783 C CG2  . VAL A 1 4 ? 3.654  1.950  4.200  1.00 0.00 ? 4 VAL A CG2  11 
ATOM 784 H H    . VAL A 1 4 ? 1.130  0.282  0.576  1.00 0.00 ? 4 VAL A H    11 
ATOM 785 H HA   . VAL A 1 4 ? 1.999  0.050  3.329  1.00 0.00 ? 4 VAL A HA   11 
ATOM 786 H HB   . VAL A 1 4 ? 4.067  1.157  2.260  1.00 0.00 ? 4 VAL A HB   11 
ATOM 787 H HG11 . VAL A 1 4 ? 2.845  3.053  0.994  1.00 0.00 ? 4 VAL A HG11 11 
ATOM 788 H HG12 . VAL A 1 4 ? 2.548  3.830  2.556  1.00 0.00 ? 4 VAL A HG12 11 
ATOM 789 H HG13 . VAL A 1 4 ? 4.219  3.581  1.997  1.00 0.00 ? 4 VAL A HG13 11 
ATOM 790 H HG21 . VAL A 1 4 ? 3.733  0.988  4.739  1.00 0.00 ? 4 VAL A HG21 11 
ATOM 791 H HG22 . VAL A 1 4 ? 2.910  2.559  4.749  1.00 0.00 ? 4 VAL A HG22 11 
ATOM 792 H HG23 . VAL A 1 4 ? 4.644  2.450  4.308  1.00 0.00 ? 4 VAL A HG23 11 
ATOM 793 N N    . CYS A 1 5 ? 0.032  2.368  1.945  1.00 0.00 ? 5 CYS A N    11 
ATOM 794 C CA   . CYS A 1 5 ? -1.270 3.061  2.095  1.00 0.00 ? 5 CYS A CA   11 
ATOM 795 C C    . CYS A 1 5 ? -2.497 2.247  1.567  1.00 0.00 ? 5 CYS A C    11 
ATOM 796 O O    . CYS A 1 5 ? -2.542 1.002  1.709  1.00 0.00 ? 5 CYS A O    11 
ATOM 797 C CB   . CYS A 1 5 ? -1.067 4.411  1.366  1.00 0.00 ? 5 CYS A CB   11 
ATOM 798 S SG   . CYS A 1 5 ? -0.595 4.210  -0.379 1.00 0.00 ? 5 CYS A SG   11 
ATOM 799 O OXT  . CYS A 1 5 ? -3.420 2.824  0.938  1.00 0.00 ? 5 CYS A OXT  11 
ATOM 800 H H    . CYS A 1 5 ? 0.596  2.460  1.102  1.00 0.00 ? 5 CYS A H    11 
ATOM 801 H HA   . CYS A 1 5 ? -1.475 3.265  3.163  1.00 0.00 ? 5 CYS A HA   11 
ATOM 802 H HB2  . CYS A 1 5 ? -2.002 5.001  1.414  1.00 0.00 ? 5 CYS A HB2  11 
ATOM 803 H HB3  . CYS A 1 5 ? -0.306 5.024  1.885  1.00 0.00 ? 5 CYS A HB3  11 
# 
